data_1FRE
# 
_entry.id   1FRE 
# 
_audit_conform.dict_name       mmcif_pdbx.dic 
_audit_conform.dict_version    5.392 
_audit_conform.dict_location   http://mmcif.pdb.org/dictionaries/ascii/mmcif_pdbx.dic 
# 
loop_
_database_2.database_id 
_database_2.database_code 
_database_2.pdbx_database_accession 
_database_2.pdbx_DOI 
PDB   1FRE         pdb_00001fre 10.2210/pdb1fre/pdb 
WWPDB D_1000173382 ?            ?                   
# 
loop_
_pdbx_audit_revision_history.ordinal 
_pdbx_audit_revision_history.data_content_type 
_pdbx_audit_revision_history.major_revision 
_pdbx_audit_revision_history.minor_revision 
_pdbx_audit_revision_history.revision_date 
1 'Structure model' 1 0 1997-02-12 
2 'Structure model' 1 1 2008-03-24 
3 'Structure model' 1 2 2011-07-13 
4 'Structure model' 1 3 2022-02-23 
5 'Structure model' 1 4 2024-05-22 
# 
_pdbx_audit_revision_details.ordinal             1 
_pdbx_audit_revision_details.revision_ordinal    1 
_pdbx_audit_revision_details.data_content_type   'Structure model' 
_pdbx_audit_revision_details.provider            repository 
_pdbx_audit_revision_details.type                'Initial release' 
_pdbx_audit_revision_details.description         ? 
_pdbx_audit_revision_details.details             ? 
# 
loop_
_pdbx_audit_revision_group.ordinal 
_pdbx_audit_revision_group.revision_ordinal 
_pdbx_audit_revision_group.data_content_type 
_pdbx_audit_revision_group.group 
1 2 'Structure model' 'Version format compliance' 
2 3 'Structure model' 'Version format compliance' 
3 4 'Structure model' 'Database references'       
4 4 'Structure model' 'Derived calculations'      
5 4 'Structure model' Other                       
6 5 'Structure model' 'Data collection'           
# 
loop_
_pdbx_audit_revision_category.ordinal 
_pdbx_audit_revision_category.revision_ordinal 
_pdbx_audit_revision_category.data_content_type 
_pdbx_audit_revision_category.category 
1 4 'Structure model' database_2            
2 4 'Structure model' pdbx_database_status  
3 4 'Structure model' pdbx_struct_assembly  
4 4 'Structure model' pdbx_struct_oper_list 
5 4 'Structure model' struct_conn           
6 4 'Structure model' struct_site           
7 5 'Structure model' chem_comp_atom        
8 5 'Structure model' chem_comp_bond        
# 
loop_
_pdbx_audit_revision_item.ordinal 
_pdbx_audit_revision_item.revision_ordinal 
_pdbx_audit_revision_item.data_content_type 
_pdbx_audit_revision_item.item 
1  4 'Structure model' '_database_2.pdbx_DOI'                
2  4 'Structure model' '_database_2.pdbx_database_accession' 
3  4 'Structure model' '_pdbx_database_status.process_site'  
4  4 'Structure model' '_struct_conn.ptnr1_auth_comp_id'     
5  4 'Structure model' '_struct_conn.ptnr1_auth_seq_id'      
6  4 'Structure model' '_struct_conn.ptnr1_label_asym_id'    
7  4 'Structure model' '_struct_conn.ptnr1_label_atom_id'    
8  4 'Structure model' '_struct_conn.ptnr1_label_comp_id'    
9  4 'Structure model' '_struct_conn.ptnr1_label_seq_id'     
10 4 'Structure model' '_struct_conn.ptnr2_auth_comp_id'     
11 4 'Structure model' '_struct_conn.ptnr2_auth_seq_id'      
12 4 'Structure model' '_struct_conn.ptnr2_label_asym_id'    
13 4 'Structure model' '_struct_conn.ptnr2_label_atom_id'    
14 4 'Structure model' '_struct_conn.ptnr2_label_comp_id'    
15 4 'Structure model' '_struct_conn.ptnr2_label_seq_id'     
16 4 'Structure model' '_struct_site.pdbx_auth_asym_id'      
17 4 'Structure model' '_struct_site.pdbx_auth_comp_id'      
18 4 'Structure model' '_struct_site.pdbx_auth_seq_id'       
# 
_pdbx_database_status.status_code                     REL 
_pdbx_database_status.entry_id                        1FRE 
_pdbx_database_status.recvd_initial_deposition_date   1996-01-31 
_pdbx_database_status.deposit_site                    ? 
_pdbx_database_status.process_site                    BNL 
_pdbx_database_status.status_code_sf                  ? 
_pdbx_database_status.status_code_mr                  REL 
_pdbx_database_status.SG_entry                        ? 
_pdbx_database_status.pdb_format_compatible           Y 
_pdbx_database_status.status_code_cs                  ? 
_pdbx_database_status.status_code_nmr_data            ? 
_pdbx_database_status.methods_development_category    ? 
# 
loop_
_audit_author.name 
_audit_author.pdbx_ordinal 
'Borden, K.L.B.' 1 
'Freemont, P.S.' 2 
# 
loop_
_citation.id 
_citation.title 
_citation.journal_abbrev 
_citation.journal_volume 
_citation.page_first 
_citation.page_last 
_citation.year 
_citation.journal_id_ASTM 
_citation.country 
_citation.journal_id_ISSN 
_citation.journal_id_CSD 
_citation.book_publisher 
_citation.pdbx_database_id_PubMed 
_citation.pdbx_database_id_DOI 
primary 'Novel topology of a zinc-binding domain from a protein involved in regulating early Xenopus development.' 'EMBO J.' 14  
5947 5956 1995 EMJODG UK 0261-4189 0897 ? 8846787 ? 
1       'The Ring Finger. A Novel Protein Sequence Motif Related to the Zinc Finger' Ann.N.Y.Acad.Sci. 684 174  ?    1993 ANYAA9 
US 0077-8923 0332 ? ?       ? 
2       
'The Cloning and Characterization of a Maternally Expressed Novel Zinc Finger Nuclear Phosphoprotein (Xnf7) in Xenopus Laevis' 
Dev.Biol.         148 107  ?    1991 ?      US 0012-1606 ?    ? ?       ? 
# 
loop_
_citation_author.citation_id 
_citation_author.name 
_citation_author.ordinal 
_citation_author.identifier_ORCID 
primary 'Borden, K.L.'   1  ? 
primary 'Lally, J.M.'    2  ? 
primary 'Martin, S.R.'   3  ? 
primary 
;O'Reilly, N.J.
;
4  ? 
primary 'Etkin, L.D.'    5  ? 
primary 'Freemont, P.S.' 6  ? 
1       'Freemont, P.S.' 7  ? 
2       'Reddy, B.A.'    8  ? 
2       'Kloc, M.'       9  ? 
2       'Etkin, L.'      10 ? 
# 
loop_
_entity.id 
_entity.type 
_entity.src_method 
_entity.pdbx_description 
_entity.formula_weight 
_entity.pdbx_number_of_molecules 
_entity.pdbx_ec 
_entity.pdbx_mutation 
_entity.pdbx_fragment 
_entity.details 
1 polymer     man 'NUCLEAR FACTOR XNF7' 4881.637 1 ? ? BBOX ? 
2 non-polymer syn 'ZINC ION'            65.409   1 ? ? ?    ? 
# 
_entity_poly.entity_id                      1 
_entity_poly.type                           'polypeptide(L)' 
_entity_poly.nstd_linkage                   no 
_entity_poly.nstd_monomer                   no 
_entity_poly.pdbx_seq_one_letter_code       RPLEKCSEHDERLKLYCKDDGTLSCVICRDSLKHASHNFLPI 
_entity_poly.pdbx_seq_one_letter_code_can   RPLEKCSEHDERLKLYCKDDGTLSCVICRDSLKHASHNFLPI 
_entity_poly.pdbx_strand_id                 A 
_entity_poly.pdbx_target_identifier         ? 
# 
_pdbx_entity_nonpoly.entity_id   2 
_pdbx_entity_nonpoly.name        'ZINC ION' 
_pdbx_entity_nonpoly.comp_id     ZN 
# 
loop_
_entity_poly_seq.entity_id 
_entity_poly_seq.num 
_entity_poly_seq.mon_id 
_entity_poly_seq.hetero 
1 1  ARG n 
1 2  PRO n 
1 3  LEU n 
1 4  GLU n 
1 5  LYS n 
1 6  CYS n 
1 7  SER n 
1 8  GLU n 
1 9  HIS n 
1 10 ASP n 
1 11 GLU n 
1 12 ARG n 
1 13 LEU n 
1 14 LYS n 
1 15 LEU n 
1 16 TYR n 
1 17 CYS n 
1 18 LYS n 
1 19 ASP n 
1 20 ASP n 
1 21 GLY n 
1 22 THR n 
1 23 LEU n 
1 24 SER n 
1 25 CYS n 
1 26 VAL n 
1 27 ILE n 
1 28 CYS n 
1 29 ARG n 
1 30 ASP n 
1 31 SER n 
1 32 LEU n 
1 33 LYS n 
1 34 HIS n 
1 35 ALA n 
1 36 SER n 
1 37 HIS n 
1 38 ASN n 
1 39 PHE n 
1 40 LEU n 
1 41 PRO n 
1 42 ILE n 
# 
_entity_src_gen.entity_id                          1 
_entity_src_gen.pdbx_src_id                        1 
_entity_src_gen.pdbx_alt_source_flag               sample 
_entity_src_gen.pdbx_seq_type                      ? 
_entity_src_gen.pdbx_beg_seq_num                   ? 
_entity_src_gen.pdbx_end_seq_num                   ? 
_entity_src_gen.gene_src_common_name               'African clawed frog' 
_entity_src_gen.gene_src_genus                     Xenopus 
_entity_src_gen.pdbx_gene_src_gene                 ? 
_entity_src_gen.gene_src_species                   ? 
_entity_src_gen.gene_src_strain                    ? 
_entity_src_gen.gene_src_tissue                    ? 
_entity_src_gen.gene_src_tissue_fraction           ? 
_entity_src_gen.gene_src_details                   ? 
_entity_src_gen.pdbx_gene_src_fragment             ? 
_entity_src_gen.pdbx_gene_src_scientific_name      'Xenopus laevis' 
_entity_src_gen.pdbx_gene_src_ncbi_taxonomy_id     8355 
_entity_src_gen.pdbx_gene_src_variant              ? 
_entity_src_gen.pdbx_gene_src_cell_line            ? 
_entity_src_gen.pdbx_gene_src_atcc                 ? 
_entity_src_gen.pdbx_gene_src_organ                ? 
_entity_src_gen.pdbx_gene_src_organelle            ? 
_entity_src_gen.pdbx_gene_src_cell                 ? 
_entity_src_gen.pdbx_gene_src_cellular_location    ? 
_entity_src_gen.host_org_common_name               ? 
_entity_src_gen.pdbx_host_org_scientific_name      ? 
_entity_src_gen.pdbx_host_org_ncbi_taxonomy_id     ? 
_entity_src_gen.host_org_genus                     ? 
_entity_src_gen.pdbx_host_org_gene                 ? 
_entity_src_gen.pdbx_host_org_organ                ? 
_entity_src_gen.host_org_species                   ? 
_entity_src_gen.pdbx_host_org_tissue               ? 
_entity_src_gen.pdbx_host_org_tissue_fraction      ? 
_entity_src_gen.pdbx_host_org_strain               ? 
_entity_src_gen.pdbx_host_org_variant              ? 
_entity_src_gen.pdbx_host_org_cell_line            ? 
_entity_src_gen.pdbx_host_org_atcc                 ? 
_entity_src_gen.pdbx_host_org_culture_collection   ? 
_entity_src_gen.pdbx_host_org_cell                 ? 
_entity_src_gen.pdbx_host_org_organelle            ? 
_entity_src_gen.pdbx_host_org_cellular_location    ? 
_entity_src_gen.pdbx_host_org_vector_type          ? 
_entity_src_gen.pdbx_host_org_vector               ? 
_entity_src_gen.host_org_details                   ? 
_entity_src_gen.expression_system_id               ? 
_entity_src_gen.plasmid_name                       ? 
_entity_src_gen.plasmid_details                    ? 
_entity_src_gen.pdbx_description                   ? 
# 
loop_
_chem_comp.id 
_chem_comp.type 
_chem_comp.mon_nstd_flag 
_chem_comp.name 
_chem_comp.pdbx_synonyms 
_chem_comp.formula 
_chem_comp.formula_weight 
ALA 'L-peptide linking' y ALANINE         ? 'C3 H7 N O2'     89.093  
ARG 'L-peptide linking' y ARGININE        ? 'C6 H15 N4 O2 1' 175.209 
ASN 'L-peptide linking' y ASPARAGINE      ? 'C4 H8 N2 O3'    132.118 
ASP 'L-peptide linking' y 'ASPARTIC ACID' ? 'C4 H7 N O4'     133.103 
CYS 'L-peptide linking' y CYSTEINE        ? 'C3 H7 N O2 S'   121.158 
GLU 'L-peptide linking' y 'GLUTAMIC ACID' ? 'C5 H9 N O4'     147.129 
GLY 'peptide linking'   y GLYCINE         ? 'C2 H5 N O2'     75.067  
HIS 'L-peptide linking' y HISTIDINE       ? 'C6 H10 N3 O2 1' 156.162 
ILE 'L-peptide linking' y ISOLEUCINE      ? 'C6 H13 N O2'    131.173 
LEU 'L-peptide linking' y LEUCINE         ? 'C6 H13 N O2'    131.173 
LYS 'L-peptide linking' y LYSINE          ? 'C6 H15 N2 O2 1' 147.195 
PHE 'L-peptide linking' y PHENYLALANINE   ? 'C9 H11 N O2'    165.189 
PRO 'L-peptide linking' y PROLINE         ? 'C5 H9 N O2'     115.130 
SER 'L-peptide linking' y SERINE          ? 'C3 H7 N O3'     105.093 
THR 'L-peptide linking' y THREONINE       ? 'C4 H9 N O3'     119.119 
TYR 'L-peptide linking' y TYROSINE        ? 'C9 H11 N O3'    181.189 
VAL 'L-peptide linking' y VALINE          ? 'C5 H11 N O2'    117.146 
ZN  non-polymer         . 'ZINC ION'      ? 'Zn 2'           65.409  
# 
loop_
_pdbx_poly_seq_scheme.asym_id 
_pdbx_poly_seq_scheme.entity_id 
_pdbx_poly_seq_scheme.seq_id 
_pdbx_poly_seq_scheme.mon_id 
_pdbx_poly_seq_scheme.ndb_seq_num 
_pdbx_poly_seq_scheme.pdb_seq_num 
_pdbx_poly_seq_scheme.auth_seq_num 
_pdbx_poly_seq_scheme.pdb_mon_id 
_pdbx_poly_seq_scheme.auth_mon_id 
_pdbx_poly_seq_scheme.pdb_strand_id 
_pdbx_poly_seq_scheme.pdb_ins_code 
_pdbx_poly_seq_scheme.hetero 
A 1 1  ARG 1  1  ?  ?   ?   A . n 
A 1 2  PRO 2  2  ?  ?   ?   A . n 
A 1 3  LEU 3  3  ?  ?   ?   A . n 
A 1 4  GLU 4  4  4  GLU GLU A . n 
A 1 5  LYS 5  5  5  LYS LYS A . n 
A 1 6  CYS 6  6  6  CYS CYS A . n 
A 1 7  SER 7  7  7  SER SER A . n 
A 1 8  GLU 8  8  8  GLU GLU A . n 
A 1 9  HIS 9  9  9  HIS HIS A . n 
A 1 10 ASP 10 10 10 ASP ASP A . n 
A 1 11 GLU 11 11 11 GLU GLU A . n 
A 1 12 ARG 12 12 12 ARG ARG A . n 
A 1 13 LEU 13 13 13 LEU LEU A . n 
A 1 14 LYS 14 14 14 LYS LYS A . n 
A 1 15 LEU 15 15 15 LEU LEU A . n 
A 1 16 TYR 16 16 16 TYR TYR A . n 
A 1 17 CYS 17 17 17 CYS CYS A . n 
A 1 18 LYS 18 18 18 LYS LYS A . n 
A 1 19 ASP 19 19 19 ASP ASP A . n 
A 1 20 ASP 20 20 20 ASP ASP A . n 
A 1 21 GLY 21 21 21 GLY GLY A . n 
A 1 22 THR 22 22 22 THR THR A . n 
A 1 23 LEU 23 23 23 LEU LEU A . n 
A 1 24 SER 24 24 24 SER SER A . n 
A 1 25 CYS 25 25 25 CYS CYS A . n 
A 1 26 VAL 26 26 26 VAL VAL A . n 
A 1 27 ILE 27 27 27 ILE ILE A . n 
A 1 28 CYS 28 28 28 CYS CYS A . n 
A 1 29 ARG 29 29 29 ARG ARG A . n 
A 1 30 ASP 30 30 30 ASP ASP A . n 
A 1 31 SER 31 31 31 SER SER A . n 
A 1 32 LEU 32 32 32 LEU LEU A . n 
A 1 33 LYS 33 33 33 LYS LYS A . n 
A 1 34 HIS 34 34 34 HIS HIS A . n 
A 1 35 ALA 35 35 35 ALA ALA A . n 
A 1 36 SER 36 36 36 SER SER A . n 
A 1 37 HIS 37 37 37 HIS HIS A . n 
A 1 38 ASN 38 38 38 ASN ASN A . n 
A 1 39 PHE 39 39 39 PHE PHE A . n 
A 1 40 LEU 40 40 40 LEU LEU A . n 
A 1 41 PRO 41 41 41 PRO PRO A . n 
A 1 42 ILE 42 42 42 ILE ILE A . n 
# 
_pdbx_nonpoly_scheme.asym_id         B 
_pdbx_nonpoly_scheme.entity_id       2 
_pdbx_nonpoly_scheme.mon_id          ZN 
_pdbx_nonpoly_scheme.ndb_seq_num     1 
_pdbx_nonpoly_scheme.pdb_seq_num     43 
_pdbx_nonpoly_scheme.auth_seq_num    43 
_pdbx_nonpoly_scheme.pdb_mon_id      ZN 
_pdbx_nonpoly_scheme.auth_mon_id     ZN 
_pdbx_nonpoly_scheme.pdb_strand_id   A 
_pdbx_nonpoly_scheme.pdb_ins_code    . 
# 
_cell.entry_id           1FRE 
_cell.length_a           1.000 
_cell.length_b           1.000 
_cell.length_c           1.000 
_cell.angle_alpha        90.00 
_cell.angle_beta         90.00 
_cell.angle_gamma        90.00 
_cell.Z_PDB              1 
_cell.pdbx_unique_axis   ? 
# 
_symmetry.entry_id                         1FRE 
_symmetry.space_group_name_H-M             'P 1' 
_symmetry.pdbx_full_space_group_name_H-M   ? 
_symmetry.cell_setting                     ? 
_symmetry.Int_Tables_number                1 
# 
_exptl.entry_id          1FRE 
_exptl.method            'SOLUTION NMR' 
_exptl.crystals_number   ? 
# 
_struct.entry_id                  1FRE 
_struct.title                     'XNF7 BBOX, DEVELOPMENTAL PROTEIN, PH 7.5, 30 C, WITH ZINC, NMR, 1 STRUCTURE' 
_struct.pdbx_model_details        ? 
_struct.pdbx_CASP_flag            ? 
_struct.pdbx_model_type_details   ? 
# 
_struct_keywords.entry_id        1FRE 
_struct_keywords.pdbx_keywords   'ZINC-BINDING PROTEIN' 
_struct_keywords.text            'ZINC-BINDING PROTEIN, XNF7, BBOX, DEVELOPMENT, MID-BLASTULA-TRANSITION' 
# 
loop_
_struct_asym.id 
_struct_asym.pdbx_blank_PDB_chainid_flag 
_struct_asym.pdbx_modified 
_struct_asym.entity_id 
_struct_asym.details 
A Y N 1 ? 
B N N 2 ? 
# 
_struct_ref.id                         1 
_struct_ref.db_name                    UNP 
_struct_ref.db_code                    NF7B_XENLA 
_struct_ref.entity_id                  1 
_struct_ref.pdbx_db_accession          Q92021 
_struct_ref.pdbx_align_begin           1 
_struct_ref.pdbx_seq_one_letter_code   
;MEEEEGADDGEQGEEEVLVVNVGSTYPCKRSDGSQHDAEIVKVRYNKQAGREEYYAHYVGLNRRQNEWVDKSRLVLTKPP
KEGETNGTDQEVTDTAEQPDSKTPQKRKIEEPEPEPKKAKVEEKDASKNASSLGAAGDFAEELTCPLCVELFKDPVMVAC
GHNFCRSCIDKAWEGQSSFACPECRESITDRKYTINRVLANLAKKAACTPVTPVEKKTRPLEKCSEHDERLKLYCKDDGT
LSCVICRDSLKHASHNFLPILDAVGVYREELSAIVAPLEASLKVTEQLSSEQSDKIEQHNKNMSQYKEHITSEFEKLHKF
LREREEKLLEQLKEQGENLLTEMENNLVKMQESQDAIKKTISLAKERMEDTDSISFLMDIKAFIDKCQEQQRAVISTGNT
LLSKELCQGTFKGPIQYIMWKELKSVVIPSLTPMLLDPTSAHPNLHLSDGLTSVRYGENKLSLPDNPKRFSQCILVLGSQ
GFDSGRHYWEVEVGDKTAWDVGMASESSNRKGKIKLNPKNGYWAIWLRNGNAYKALESPSKSLSLSSHPRKIGVYVDYEG
GQISFYNADDMTIIYTFNATFTEKLYPYLSPFLHDSGKNVDPLRFVHNK
;
_struct_ref.pdbx_db_isoform            ? 
# 
_struct_ref_seq.align_id                      1 
_struct_ref_seq.ref_id                        1 
_struct_ref_seq.pdbx_PDB_id_code              1FRE 
_struct_ref_seq.pdbx_strand_id                A 
_struct_ref_seq.seq_align_beg                 1 
_struct_ref_seq.pdbx_seq_align_beg_ins_code   ? 
_struct_ref_seq.seq_align_end                 42 
_struct_ref_seq.pdbx_seq_align_end_ins_code   ? 
_struct_ref_seq.pdbx_db_accession             Q92021 
_struct_ref_seq.db_align_beg                  219 
_struct_ref_seq.pdbx_db_align_beg_ins_code    ? 
_struct_ref_seq.db_align_end                  260 
_struct_ref_seq.pdbx_db_align_end_ins_code    ? 
_struct_ref_seq.pdbx_auth_seq_align_beg       1 
_struct_ref_seq.pdbx_auth_seq_align_end       42 
# 
_pdbx_struct_assembly.id                   1 
_pdbx_struct_assembly.details              author_defined_assembly 
_pdbx_struct_assembly.method_details       ? 
_pdbx_struct_assembly.oligomeric_details   monomeric 
_pdbx_struct_assembly.oligomeric_count     1 
# 
_pdbx_struct_assembly_gen.assembly_id       1 
_pdbx_struct_assembly_gen.oper_expression   1 
_pdbx_struct_assembly_gen.asym_id_list      A,B 
# 
_pdbx_struct_oper_list.id                   1 
_pdbx_struct_oper_list.type                 'identity operation' 
_pdbx_struct_oper_list.name                 1_555 
_pdbx_struct_oper_list.symmetry_operation   x,y,z 
_pdbx_struct_oper_list.matrix[1][1]         1.0000000000 
_pdbx_struct_oper_list.matrix[1][2]         0.0000000000 
_pdbx_struct_oper_list.matrix[1][3]         0.0000000000 
_pdbx_struct_oper_list.vector[1]            0.0000000000 
_pdbx_struct_oper_list.matrix[2][1]         0.0000000000 
_pdbx_struct_oper_list.matrix[2][2]         1.0000000000 
_pdbx_struct_oper_list.matrix[2][3]         0.0000000000 
_pdbx_struct_oper_list.vector[2]            0.0000000000 
_pdbx_struct_oper_list.matrix[3][1]         0.0000000000 
_pdbx_struct_oper_list.matrix[3][2]         0.0000000000 
_pdbx_struct_oper_list.matrix[3][3]         1.0000000000 
_pdbx_struct_oper_list.vector[3]            0.0000000000 
# 
_struct_biol.id   1 
# 
_struct_conf.conf_type_id            HELX_P 
_struct_conf.id                      HELX_P1 
_struct_conf.pdbx_PDB_helix_id       H1 
_struct_conf.beg_label_comp_id       ILE 
_struct_conf.beg_label_asym_id       A 
_struct_conf.beg_label_seq_id        27 
_struct_conf.pdbx_beg_PDB_ins_code   ? 
_struct_conf.end_label_comp_id       SER 
_struct_conf.end_label_asym_id       A 
_struct_conf.end_label_seq_id        31 
_struct_conf.pdbx_end_PDB_ins_code   ? 
_struct_conf.beg_auth_comp_id        ILE 
_struct_conf.beg_auth_asym_id        A 
_struct_conf.beg_auth_seq_id         27 
_struct_conf.end_auth_comp_id        SER 
_struct_conf.end_auth_asym_id        A 
_struct_conf.end_auth_seq_id         31 
_struct_conf.pdbx_PDB_helix_class    1 
_struct_conf.details                 'HELICAL TURN' 
_struct_conf.pdbx_PDB_helix_length   5 
# 
_struct_conf_type.id          HELX_P 
_struct_conf_type.criteria    ? 
_struct_conf_type.reference   ? 
# 
loop_
_struct_conn.id 
_struct_conn.conn_type_id 
_struct_conn.pdbx_leaving_atom_flag 
_struct_conn.pdbx_PDB_id 
_struct_conn.ptnr1_label_asym_id 
_struct_conn.ptnr1_label_comp_id 
_struct_conn.ptnr1_label_seq_id 
_struct_conn.ptnr1_label_atom_id 
_struct_conn.pdbx_ptnr1_label_alt_id 
_struct_conn.pdbx_ptnr1_PDB_ins_code 
_struct_conn.pdbx_ptnr1_standard_comp_id 
_struct_conn.ptnr1_symmetry 
_struct_conn.ptnr2_label_asym_id 
_struct_conn.ptnr2_label_comp_id 
_struct_conn.ptnr2_label_seq_id 
_struct_conn.ptnr2_label_atom_id 
_struct_conn.pdbx_ptnr2_label_alt_id 
_struct_conn.pdbx_ptnr2_PDB_ins_code 
_struct_conn.ptnr1_auth_asym_id 
_struct_conn.ptnr1_auth_comp_id 
_struct_conn.ptnr1_auth_seq_id 
_struct_conn.ptnr2_auth_asym_id 
_struct_conn.ptnr2_auth_comp_id 
_struct_conn.ptnr2_auth_seq_id 
_struct_conn.ptnr2_symmetry 
_struct_conn.pdbx_ptnr3_label_atom_id 
_struct_conn.pdbx_ptnr3_label_seq_id 
_struct_conn.pdbx_ptnr3_label_comp_id 
_struct_conn.pdbx_ptnr3_label_asym_id 
_struct_conn.pdbx_ptnr3_label_alt_id 
_struct_conn.pdbx_ptnr3_PDB_ins_code 
_struct_conn.details 
_struct_conn.pdbx_dist_value 
_struct_conn.pdbx_value_order 
_struct_conn.pdbx_role 
metalc1 metalc ? ? A CYS 6  SG  ? ? ? 1_555 B ZN . ZN ? ? A CYS 6  A ZN 43 1_555 ? ? ? ? ? ? ? 2.316 ? ? 
metalc2 metalc ? ? A HIS 9  CD2 ? ? ? 1_555 B ZN . ZN ? ? A HIS 9  A ZN 43 1_555 ? ? ? ? ? ? ? 1.904 ? ? 
metalc3 metalc ? ? A HIS 9  NE2 ? ? ? 1_555 B ZN . ZN ? ? A HIS 9  A ZN 43 1_555 ? ? ? ? ? ? ? 2.044 ? ? 
metalc4 metalc ? ? A CYS 28 SG  ? ? ? 1_555 B ZN . ZN ? ? A CYS 28 A ZN 43 1_555 ? ? ? ? ? ? ? 2.301 ? ? 
metalc5 metalc ? ? A HIS 34 CD2 ? ? ? 1_555 B ZN . ZN ? ? A HIS 34 A ZN 43 1_555 ? ? ? ? ? ? ? 2.177 ? ? 
metalc6 metalc ? ? A HIS 34 NE2 ? ? ? 1_555 B ZN . ZN ? ? A HIS 34 A ZN 43 1_555 ? ? ? ? ? ? ? 1.527 ? ? 
# 
_struct_conn_type.id          metalc 
_struct_conn_type.criteria    ? 
_struct_conn_type.reference   ? 
# 
loop_
_pdbx_struct_conn_angle.id 
_pdbx_struct_conn_angle.ptnr1_label_atom_id 
_pdbx_struct_conn_angle.ptnr1_label_alt_id 
_pdbx_struct_conn_angle.ptnr1_label_asym_id 
_pdbx_struct_conn_angle.ptnr1_label_comp_id 
_pdbx_struct_conn_angle.ptnr1_label_seq_id 
_pdbx_struct_conn_angle.ptnr1_auth_atom_id 
_pdbx_struct_conn_angle.ptnr1_auth_asym_id 
_pdbx_struct_conn_angle.ptnr1_auth_comp_id 
_pdbx_struct_conn_angle.ptnr1_auth_seq_id 
_pdbx_struct_conn_angle.ptnr1_PDB_ins_code 
_pdbx_struct_conn_angle.ptnr1_symmetry 
_pdbx_struct_conn_angle.ptnr2_label_atom_id 
_pdbx_struct_conn_angle.ptnr2_label_alt_id 
_pdbx_struct_conn_angle.ptnr2_label_asym_id 
_pdbx_struct_conn_angle.ptnr2_label_comp_id 
_pdbx_struct_conn_angle.ptnr2_label_seq_id 
_pdbx_struct_conn_angle.ptnr2_auth_atom_id 
_pdbx_struct_conn_angle.ptnr2_auth_asym_id 
_pdbx_struct_conn_angle.ptnr2_auth_comp_id 
_pdbx_struct_conn_angle.ptnr2_auth_seq_id 
_pdbx_struct_conn_angle.ptnr2_PDB_ins_code 
_pdbx_struct_conn_angle.ptnr2_symmetry 
_pdbx_struct_conn_angle.ptnr3_label_atom_id 
_pdbx_struct_conn_angle.ptnr3_label_alt_id 
_pdbx_struct_conn_angle.ptnr3_label_asym_id 
_pdbx_struct_conn_angle.ptnr3_label_comp_id 
_pdbx_struct_conn_angle.ptnr3_label_seq_id 
_pdbx_struct_conn_angle.ptnr3_auth_atom_id 
_pdbx_struct_conn_angle.ptnr3_auth_asym_id 
_pdbx_struct_conn_angle.ptnr3_auth_comp_id 
_pdbx_struct_conn_angle.ptnr3_auth_seq_id 
_pdbx_struct_conn_angle.ptnr3_PDB_ins_code 
_pdbx_struct_conn_angle.ptnr3_symmetry 
_pdbx_struct_conn_angle.value 
_pdbx_struct_conn_angle.value_esd 
1  SG  ? A CYS 6  ? A CYS 6  ? 1_555 ZN ? B ZN . ? A ZN 43 ? 1_555 CD2 ? A HIS 9  ? A HIS 9  ? 1_555 90.3  ? 
2  SG  ? A CYS 6  ? A CYS 6  ? 1_555 ZN ? B ZN . ? A ZN 43 ? 1_555 NE2 ? A HIS 9  ? A HIS 9  ? 1_555 95.6  ? 
3  CD2 ? A HIS 9  ? A HIS 9  ? 1_555 ZN ? B ZN . ? A ZN 43 ? 1_555 NE2 ? A HIS 9  ? A HIS 9  ? 1_555 40.9  ? 
4  SG  ? A CYS 6  ? A CYS 6  ? 1_555 ZN ? B ZN . ? A ZN 43 ? 1_555 SG  ? A CYS 28 ? A CYS 28 ? 1_555 97.6  ? 
5  CD2 ? A HIS 9  ? A HIS 9  ? 1_555 ZN ? B ZN . ? A ZN 43 ? 1_555 SG  ? A CYS 28 ? A CYS 28 ? 1_555 151.0 ? 
6  NE2 ? A HIS 9  ? A HIS 9  ? 1_555 ZN ? B ZN . ? A ZN 43 ? 1_555 SG  ? A CYS 28 ? A CYS 28 ? 1_555 110.3 ? 
7  SG  ? A CYS 6  ? A CYS 6  ? 1_555 ZN ? B ZN . ? A ZN 43 ? 1_555 CD2 ? A HIS 34 ? A HIS 34 ? 1_555 85.3  ? 
8  CD2 ? A HIS 9  ? A HIS 9  ? 1_555 ZN ? B ZN . ? A ZN 43 ? 1_555 CD2 ? A HIS 34 ? A HIS 34 ? 1_555 108.1 ? 
9  NE2 ? A HIS 9  ? A HIS 9  ? 1_555 ZN ? B ZN . ? A ZN 43 ? 1_555 CD2 ? A HIS 34 ? A HIS 34 ? 1_555 148.8 ? 
10 SG  ? A CYS 28 ? A CYS 28 ? 1_555 ZN ? B ZN . ? A ZN 43 ? 1_555 CD2 ? A HIS 34 ? A HIS 34 ? 1_555 100.4 ? 
11 SG  ? A CYS 6  ? A CYS 6  ? 1_555 ZN ? B ZN . ? A ZN 43 ? 1_555 NE2 ? A HIS 34 ? A HIS 34 ? 1_555 121.7 ? 
12 CD2 ? A HIS 9  ? A HIS 9  ? 1_555 ZN ? B ZN . ? A ZN 43 ? 1_555 NE2 ? A HIS 34 ? A HIS 34 ? 1_555 92.0  ? 
13 NE2 ? A HIS 9  ? A HIS 9  ? 1_555 ZN ? B ZN . ? A ZN 43 ? 1_555 NE2 ? A HIS 34 ? A HIS 34 ? 1_555 121.8 ? 
14 SG  ? A CYS 28 ? A CYS 28 ? 1_555 ZN ? B ZN . ? A ZN 43 ? 1_555 NE2 ? A HIS 34 ? A HIS 34 ? 1_555 107.1 ? 
15 CD2 ? A HIS 34 ? A HIS 34 ? 1_555 ZN ? B ZN . ? A ZN 43 ? 1_555 NE2 ? A HIS 34 ? A HIS 34 ? 1_555 39.4  ? 
# 
loop_
_struct_sheet.id 
_struct_sheet.type 
_struct_sheet.number_strands 
_struct_sheet.details 
S1 ? 1 ? 
S2 ? 1 ? 
# 
loop_
_struct_sheet_range.sheet_id 
_struct_sheet_range.id 
_struct_sheet_range.beg_label_comp_id 
_struct_sheet_range.beg_label_asym_id 
_struct_sheet_range.beg_label_seq_id 
_struct_sheet_range.pdbx_beg_PDB_ins_code 
_struct_sheet_range.end_label_comp_id 
_struct_sheet_range.end_label_asym_id 
_struct_sheet_range.end_label_seq_id 
_struct_sheet_range.pdbx_end_PDB_ins_code 
_struct_sheet_range.beg_auth_comp_id 
_struct_sheet_range.beg_auth_asym_id 
_struct_sheet_range.beg_auth_seq_id 
_struct_sheet_range.end_auth_comp_id 
_struct_sheet_range.end_auth_asym_id 
_struct_sheet_range.end_auth_seq_id 
S1 1 LEU A 13 ? LYS A 18 ? LEU A 13 LYS A 18 
S2 1 ASN A 38 ? PRO A 41 ? ASN A 38 PRO A 41 
# 
loop_
_struct_site.id 
_struct_site.pdbx_evidence_code 
_struct_site.pdbx_auth_asym_id 
_struct_site.pdbx_auth_comp_id 
_struct_site.pdbx_auth_seq_id 
_struct_site.pdbx_auth_ins_code 
_struct_site.pdbx_num_residues 
_struct_site.details 
ZN1 Unknown  ? ?  ?  ? 5 'ZINC BINDING SITE 1.'             
AC1 Software A ZN 43 ? 5 'BINDING SITE FOR RESIDUE ZN A 43' 
# 
loop_
_struct_site_gen.id 
_struct_site_gen.site_id 
_struct_site_gen.pdbx_num_res 
_struct_site_gen.label_comp_id 
_struct_site_gen.label_asym_id 
_struct_site_gen.label_seq_id 
_struct_site_gen.pdbx_auth_ins_code 
_struct_site_gen.auth_comp_id 
_struct_site_gen.auth_asym_id 
_struct_site_gen.auth_seq_id 
_struct_site_gen.label_atom_id 
_struct_site_gen.label_alt_id 
_struct_site_gen.symmetry 
_struct_site_gen.details 
1  ZN1 5 CYS A 6  ? CYS A 6  . ? 1_555 ? 
2  ZN1 5 HIS A 9  ? HIS A 9  . ? 1_555 ? 
3  ZN1 5 CYS A 28 ? CYS A 28 . ? 1_555 ? 
4  ZN1 5 HIS A 34 ? HIS A 34 . ? 1_555 ? 
5  ZN1 5 ZN  B .  ? ZN  A 43 . ? 1_555 ? 
6  AC1 5 CYS A 6  ? CYS A 6  . ? 1_555 ? 
7  AC1 5 HIS A 9  ? HIS A 9  . ? 1_555 ? 
8  AC1 5 LEU A 13 ? LEU A 13 . ? 1_555 ? 
9  AC1 5 CYS A 28 ? CYS A 28 . ? 1_555 ? 
10 AC1 5 HIS A 34 ? HIS A 34 . ? 1_555 ? 
# 
_pdbx_validate_close_contact.id               1 
_pdbx_validate_close_contact.PDB_model_num    1 
_pdbx_validate_close_contact.auth_atom_id_1   O 
_pdbx_validate_close_contact.auth_asym_id_1   A 
_pdbx_validate_close_contact.auth_comp_id_1   LEU 
_pdbx_validate_close_contact.auth_seq_id_1    15 
_pdbx_validate_close_contact.PDB_ins_code_1   ? 
_pdbx_validate_close_contact.label_alt_id_1   ? 
_pdbx_validate_close_contact.auth_atom_id_2   O 
_pdbx_validate_close_contact.auth_asym_id_2   A 
_pdbx_validate_close_contact.auth_comp_id_2   LEU 
_pdbx_validate_close_contact.auth_seq_id_2    40 
_pdbx_validate_close_contact.PDB_ins_code_2   ? 
_pdbx_validate_close_contact.label_alt_id_2   ? 
_pdbx_validate_close_contact.dist             2.19 
# 
loop_
_pdbx_validate_torsion.id 
_pdbx_validate_torsion.PDB_model_num 
_pdbx_validate_torsion.auth_comp_id 
_pdbx_validate_torsion.auth_asym_id 
_pdbx_validate_torsion.auth_seq_id 
_pdbx_validate_torsion.PDB_ins_code 
_pdbx_validate_torsion.label_alt_id 
_pdbx_validate_torsion.phi 
_pdbx_validate_torsion.psi 
1  1 LYS A 5  ? ? -66.69  -80.53  
2  1 CYS A 6  ? ? 14.25   68.44   
3  1 GLU A 8  ? ? 39.46   97.00   
4  1 HIS A 9  ? ? 179.00  -63.45  
5  1 GLU A 11 ? ? -84.50  45.86   
6  1 ARG A 12 ? ? 161.53  -14.00  
7  1 LEU A 15 ? ? -166.76 -144.76 
8  1 CYS A 17 ? ? -128.65 -87.42  
9  1 LYS A 18 ? ? 60.87   161.58  
10 1 ASP A 20 ? ? 179.13  47.32   
11 1 SER A 24 ? ? 58.78   115.58  
12 1 CYS A 25 ? ? -137.73 -158.67 
13 1 CYS A 28 ? ? -172.38 34.97   
14 1 ARG A 29 ? ? 78.64   -0.08   
15 1 ASP A 30 ? ? -157.46 -40.54  
16 1 SER A 31 ? ? 79.13   57.32   
17 1 ALA A 35 ? ? 77.01   -77.15  
18 1 SER A 36 ? ? -152.79 20.75   
19 1 HIS A 37 ? ? -49.77  -92.48  
20 1 ASN A 38 ? ? 174.18  154.38  
# 
loop_
_pdbx_validate_planes.id 
_pdbx_validate_planes.PDB_model_num 
_pdbx_validate_planes.auth_comp_id 
_pdbx_validate_planes.auth_asym_id 
_pdbx_validate_planes.auth_seq_id 
_pdbx_validate_planes.PDB_ins_code 
_pdbx_validate_planes.label_alt_id 
_pdbx_validate_planes.rmsd 
_pdbx_validate_planes.type 
1 1 ARG A 12 ? ? 0.280 'SIDE CHAIN' 
2 1 ARG A 29 ? ? 0.278 'SIDE CHAIN' 
# 
_pdbx_nmr_ensemble.entry_id                             1FRE 
_pdbx_nmr_ensemble.conformers_calculated_total_number   ? 
_pdbx_nmr_ensemble.conformers_submitted_total_number    1 
_pdbx_nmr_ensemble.conformer_selection_criteria         ? 
# 
_pdbx_nmr_exptl_sample_conditions.conditions_id       1 
_pdbx_nmr_exptl_sample_conditions.temperature         303 
_pdbx_nmr_exptl_sample_conditions.pressure            ? 
_pdbx_nmr_exptl_sample_conditions.pH                  7.5 
_pdbx_nmr_exptl_sample_conditions.ionic_strength      ? 
_pdbx_nmr_exptl_sample_conditions.pressure_units      . 
_pdbx_nmr_exptl_sample_conditions.temperature_units   K 
# 
loop_
_pdbx_unobs_or_zero_occ_residues.id 
_pdbx_unobs_or_zero_occ_residues.PDB_model_num 
_pdbx_unobs_or_zero_occ_residues.polymer_flag 
_pdbx_unobs_or_zero_occ_residues.occupancy_flag 
_pdbx_unobs_or_zero_occ_residues.auth_asym_id 
_pdbx_unobs_or_zero_occ_residues.auth_comp_id 
_pdbx_unobs_or_zero_occ_residues.auth_seq_id 
_pdbx_unobs_or_zero_occ_residues.PDB_ins_code 
_pdbx_unobs_or_zero_occ_residues.label_asym_id 
_pdbx_unobs_or_zero_occ_residues.label_comp_id 
_pdbx_unobs_or_zero_occ_residues.label_seq_id 
1 1 Y 1 A ARG 1 ? A ARG 1 
2 1 Y 1 A PRO 2 ? A PRO 2 
3 1 Y 1 A LEU 3 ? A LEU 3 
# 
loop_
_chem_comp_atom.comp_id 
_chem_comp_atom.atom_id 
_chem_comp_atom.type_symbol 
_chem_comp_atom.pdbx_aromatic_flag 
_chem_comp_atom.pdbx_stereo_config 
_chem_comp_atom.pdbx_ordinal 
ALA N    N  N N 1   
ALA CA   C  N S 2   
ALA C    C  N N 3   
ALA O    O  N N 4   
ALA CB   C  N N 5   
ALA OXT  O  N N 6   
ALA H    H  N N 7   
ALA H2   H  N N 8   
ALA HA   H  N N 9   
ALA HB1  H  N N 10  
ALA HB2  H  N N 11  
ALA HB3  H  N N 12  
ALA HXT  H  N N 13  
ARG N    N  N N 14  
ARG CA   C  N S 15  
ARG C    C  N N 16  
ARG O    O  N N 17  
ARG CB   C  N N 18  
ARG CG   C  N N 19  
ARG CD   C  N N 20  
ARG NE   N  N N 21  
ARG CZ   C  N N 22  
ARG NH1  N  N N 23  
ARG NH2  N  N N 24  
ARG OXT  O  N N 25  
ARG H    H  N N 26  
ARG H2   H  N N 27  
ARG HA   H  N N 28  
ARG HB2  H  N N 29  
ARG HB3  H  N N 30  
ARG HG2  H  N N 31  
ARG HG3  H  N N 32  
ARG HD2  H  N N 33  
ARG HD3  H  N N 34  
ARG HE   H  N N 35  
ARG HH11 H  N N 36  
ARG HH12 H  N N 37  
ARG HH21 H  N N 38  
ARG HH22 H  N N 39  
ARG HXT  H  N N 40  
ASN N    N  N N 41  
ASN CA   C  N S 42  
ASN C    C  N N 43  
ASN O    O  N N 44  
ASN CB   C  N N 45  
ASN CG   C  N N 46  
ASN OD1  O  N N 47  
ASN ND2  N  N N 48  
ASN OXT  O  N N 49  
ASN H    H  N N 50  
ASN H2   H  N N 51  
ASN HA   H  N N 52  
ASN HB2  H  N N 53  
ASN HB3  H  N N 54  
ASN HD21 H  N N 55  
ASN HD22 H  N N 56  
ASN HXT  H  N N 57  
ASP N    N  N N 58  
ASP CA   C  N S 59  
ASP C    C  N N 60  
ASP O    O  N N 61  
ASP CB   C  N N 62  
ASP CG   C  N N 63  
ASP OD1  O  N N 64  
ASP OD2  O  N N 65  
ASP OXT  O  N N 66  
ASP H    H  N N 67  
ASP H2   H  N N 68  
ASP HA   H  N N 69  
ASP HB2  H  N N 70  
ASP HB3  H  N N 71  
ASP HD2  H  N N 72  
ASP HXT  H  N N 73  
CYS N    N  N N 74  
CYS CA   C  N R 75  
CYS C    C  N N 76  
CYS O    O  N N 77  
CYS CB   C  N N 78  
CYS SG   S  N N 79  
CYS OXT  O  N N 80  
CYS H    H  N N 81  
CYS H2   H  N N 82  
CYS HA   H  N N 83  
CYS HB2  H  N N 84  
CYS HB3  H  N N 85  
CYS HG   H  N N 86  
CYS HXT  H  N N 87  
GLU N    N  N N 88  
GLU CA   C  N S 89  
GLU C    C  N N 90  
GLU O    O  N N 91  
GLU CB   C  N N 92  
GLU CG   C  N N 93  
GLU CD   C  N N 94  
GLU OE1  O  N N 95  
GLU OE2  O  N N 96  
GLU OXT  O  N N 97  
GLU H    H  N N 98  
GLU H2   H  N N 99  
GLU HA   H  N N 100 
GLU HB2  H  N N 101 
GLU HB3  H  N N 102 
GLU HG2  H  N N 103 
GLU HG3  H  N N 104 
GLU HE2  H  N N 105 
GLU HXT  H  N N 106 
GLY N    N  N N 107 
GLY CA   C  N N 108 
GLY C    C  N N 109 
GLY O    O  N N 110 
GLY OXT  O  N N 111 
GLY H    H  N N 112 
GLY H2   H  N N 113 
GLY HA2  H  N N 114 
GLY HA3  H  N N 115 
GLY HXT  H  N N 116 
HIS N    N  N N 117 
HIS CA   C  N S 118 
HIS C    C  N N 119 
HIS O    O  N N 120 
HIS CB   C  N N 121 
HIS CG   C  Y N 122 
HIS ND1  N  Y N 123 
HIS CD2  C  Y N 124 
HIS CE1  C  Y N 125 
HIS NE2  N  Y N 126 
HIS OXT  O  N N 127 
HIS H    H  N N 128 
HIS H2   H  N N 129 
HIS HA   H  N N 130 
HIS HB2  H  N N 131 
HIS HB3  H  N N 132 
HIS HD1  H  N N 133 
HIS HD2  H  N N 134 
HIS HE1  H  N N 135 
HIS HE2  H  N N 136 
HIS HXT  H  N N 137 
ILE N    N  N N 138 
ILE CA   C  N S 139 
ILE C    C  N N 140 
ILE O    O  N N 141 
ILE CB   C  N S 142 
ILE CG1  C  N N 143 
ILE CG2  C  N N 144 
ILE CD1  C  N N 145 
ILE OXT  O  N N 146 
ILE H    H  N N 147 
ILE H2   H  N N 148 
ILE HA   H  N N 149 
ILE HB   H  N N 150 
ILE HG12 H  N N 151 
ILE HG13 H  N N 152 
ILE HG21 H  N N 153 
ILE HG22 H  N N 154 
ILE HG23 H  N N 155 
ILE HD11 H  N N 156 
ILE HD12 H  N N 157 
ILE HD13 H  N N 158 
ILE HXT  H  N N 159 
LEU N    N  N N 160 
LEU CA   C  N S 161 
LEU C    C  N N 162 
LEU O    O  N N 163 
LEU CB   C  N N 164 
LEU CG   C  N N 165 
LEU CD1  C  N N 166 
LEU CD2  C  N N 167 
LEU OXT  O  N N 168 
LEU H    H  N N 169 
LEU H2   H  N N 170 
LEU HA   H  N N 171 
LEU HB2  H  N N 172 
LEU HB3  H  N N 173 
LEU HG   H  N N 174 
LEU HD11 H  N N 175 
LEU HD12 H  N N 176 
LEU HD13 H  N N 177 
LEU HD21 H  N N 178 
LEU HD22 H  N N 179 
LEU HD23 H  N N 180 
LEU HXT  H  N N 181 
LYS N    N  N N 182 
LYS CA   C  N S 183 
LYS C    C  N N 184 
LYS O    O  N N 185 
LYS CB   C  N N 186 
LYS CG   C  N N 187 
LYS CD   C  N N 188 
LYS CE   C  N N 189 
LYS NZ   N  N N 190 
LYS OXT  O  N N 191 
LYS H    H  N N 192 
LYS H2   H  N N 193 
LYS HA   H  N N 194 
LYS HB2  H  N N 195 
LYS HB3  H  N N 196 
LYS HG2  H  N N 197 
LYS HG3  H  N N 198 
LYS HD2  H  N N 199 
LYS HD3  H  N N 200 
LYS HE2  H  N N 201 
LYS HE3  H  N N 202 
LYS HZ1  H  N N 203 
LYS HZ2  H  N N 204 
LYS HZ3  H  N N 205 
LYS HXT  H  N N 206 
PHE N    N  N N 207 
PHE CA   C  N S 208 
PHE C    C  N N 209 
PHE O    O  N N 210 
PHE CB   C  N N 211 
PHE CG   C  Y N 212 
PHE CD1  C  Y N 213 
PHE CD2  C  Y N 214 
PHE CE1  C  Y N 215 
PHE CE2  C  Y N 216 
PHE CZ   C  Y N 217 
PHE OXT  O  N N 218 
PHE H    H  N N 219 
PHE H2   H  N N 220 
PHE HA   H  N N 221 
PHE HB2  H  N N 222 
PHE HB3  H  N N 223 
PHE HD1  H  N N 224 
PHE HD2  H  N N 225 
PHE HE1  H  N N 226 
PHE HE2  H  N N 227 
PHE HZ   H  N N 228 
PHE HXT  H  N N 229 
PRO N    N  N N 230 
PRO CA   C  N S 231 
PRO C    C  N N 232 
PRO O    O  N N 233 
PRO CB   C  N N 234 
PRO CG   C  N N 235 
PRO CD   C  N N 236 
PRO OXT  O  N N 237 
PRO H    H  N N 238 
PRO HA   H  N N 239 
PRO HB2  H  N N 240 
PRO HB3  H  N N 241 
PRO HG2  H  N N 242 
PRO HG3  H  N N 243 
PRO HD2  H  N N 244 
PRO HD3  H  N N 245 
PRO HXT  H  N N 246 
SER N    N  N N 247 
SER CA   C  N S 248 
SER C    C  N N 249 
SER O    O  N N 250 
SER CB   C  N N 251 
SER OG   O  N N 252 
SER OXT  O  N N 253 
SER H    H  N N 254 
SER H2   H  N N 255 
SER HA   H  N N 256 
SER HB2  H  N N 257 
SER HB3  H  N N 258 
SER HG   H  N N 259 
SER HXT  H  N N 260 
THR N    N  N N 261 
THR CA   C  N S 262 
THR C    C  N N 263 
THR O    O  N N 264 
THR CB   C  N R 265 
THR OG1  O  N N 266 
THR CG2  C  N N 267 
THR OXT  O  N N 268 
THR H    H  N N 269 
THR H2   H  N N 270 
THR HA   H  N N 271 
THR HB   H  N N 272 
THR HG1  H  N N 273 
THR HG21 H  N N 274 
THR HG22 H  N N 275 
THR HG23 H  N N 276 
THR HXT  H  N N 277 
TYR N    N  N N 278 
TYR CA   C  N S 279 
TYR C    C  N N 280 
TYR O    O  N N 281 
TYR CB   C  N N 282 
TYR CG   C  Y N 283 
TYR CD1  C  Y N 284 
TYR CD2  C  Y N 285 
TYR CE1  C  Y N 286 
TYR CE2  C  Y N 287 
TYR CZ   C  Y N 288 
TYR OH   O  N N 289 
TYR OXT  O  N N 290 
TYR H    H  N N 291 
TYR H2   H  N N 292 
TYR HA   H  N N 293 
TYR HB2  H  N N 294 
TYR HB3  H  N N 295 
TYR HD1  H  N N 296 
TYR HD2  H  N N 297 
TYR HE1  H  N N 298 
TYR HE2  H  N N 299 
TYR HH   H  N N 300 
TYR HXT  H  N N 301 
VAL N    N  N N 302 
VAL CA   C  N S 303 
VAL C    C  N N 304 
VAL O    O  N N 305 
VAL CB   C  N N 306 
VAL CG1  C  N N 307 
VAL CG2  C  N N 308 
VAL OXT  O  N N 309 
VAL H    H  N N 310 
VAL H2   H  N N 311 
VAL HA   H  N N 312 
VAL HB   H  N N 313 
VAL HG11 H  N N 314 
VAL HG12 H  N N 315 
VAL HG13 H  N N 316 
VAL HG21 H  N N 317 
VAL HG22 H  N N 318 
VAL HG23 H  N N 319 
VAL HXT  H  N N 320 
ZN  ZN   ZN N N 321 
# 
loop_
_chem_comp_bond.comp_id 
_chem_comp_bond.atom_id_1 
_chem_comp_bond.atom_id_2 
_chem_comp_bond.value_order 
_chem_comp_bond.pdbx_aromatic_flag 
_chem_comp_bond.pdbx_stereo_config 
_chem_comp_bond.pdbx_ordinal 
ALA N   CA   sing N N 1   
ALA N   H    sing N N 2   
ALA N   H2   sing N N 3   
ALA CA  C    sing N N 4   
ALA CA  CB   sing N N 5   
ALA CA  HA   sing N N 6   
ALA C   O    doub N N 7   
ALA C   OXT  sing N N 8   
ALA CB  HB1  sing N N 9   
ALA CB  HB2  sing N N 10  
ALA CB  HB3  sing N N 11  
ALA OXT HXT  sing N N 12  
ARG N   CA   sing N N 13  
ARG N   H    sing N N 14  
ARG N   H2   sing N N 15  
ARG CA  C    sing N N 16  
ARG CA  CB   sing N N 17  
ARG CA  HA   sing N N 18  
ARG C   O    doub N N 19  
ARG C   OXT  sing N N 20  
ARG CB  CG   sing N N 21  
ARG CB  HB2  sing N N 22  
ARG CB  HB3  sing N N 23  
ARG CG  CD   sing N N 24  
ARG CG  HG2  sing N N 25  
ARG CG  HG3  sing N N 26  
ARG CD  NE   sing N N 27  
ARG CD  HD2  sing N N 28  
ARG CD  HD3  sing N N 29  
ARG NE  CZ   sing N N 30  
ARG NE  HE   sing N N 31  
ARG CZ  NH1  sing N N 32  
ARG CZ  NH2  doub N N 33  
ARG NH1 HH11 sing N N 34  
ARG NH1 HH12 sing N N 35  
ARG NH2 HH21 sing N N 36  
ARG NH2 HH22 sing N N 37  
ARG OXT HXT  sing N N 38  
ASN N   CA   sing N N 39  
ASN N   H    sing N N 40  
ASN N   H2   sing N N 41  
ASN CA  C    sing N N 42  
ASN CA  CB   sing N N 43  
ASN CA  HA   sing N N 44  
ASN C   O    doub N N 45  
ASN C   OXT  sing N N 46  
ASN CB  CG   sing N N 47  
ASN CB  HB2  sing N N 48  
ASN CB  HB3  sing N N 49  
ASN CG  OD1  doub N N 50  
ASN CG  ND2  sing N N 51  
ASN ND2 HD21 sing N N 52  
ASN ND2 HD22 sing N N 53  
ASN OXT HXT  sing N N 54  
ASP N   CA   sing N N 55  
ASP N   H    sing N N 56  
ASP N   H2   sing N N 57  
ASP CA  C    sing N N 58  
ASP CA  CB   sing N N 59  
ASP CA  HA   sing N N 60  
ASP C   O    doub N N 61  
ASP C   OXT  sing N N 62  
ASP CB  CG   sing N N 63  
ASP CB  HB2  sing N N 64  
ASP CB  HB3  sing N N 65  
ASP CG  OD1  doub N N 66  
ASP CG  OD2  sing N N 67  
ASP OD2 HD2  sing N N 68  
ASP OXT HXT  sing N N 69  
CYS N   CA   sing N N 70  
CYS N   H    sing N N 71  
CYS N   H2   sing N N 72  
CYS CA  C    sing N N 73  
CYS CA  CB   sing N N 74  
CYS CA  HA   sing N N 75  
CYS C   O    doub N N 76  
CYS C   OXT  sing N N 77  
CYS CB  SG   sing N N 78  
CYS CB  HB2  sing N N 79  
CYS CB  HB3  sing N N 80  
CYS SG  HG   sing N N 81  
CYS OXT HXT  sing N N 82  
GLU N   CA   sing N N 83  
GLU N   H    sing N N 84  
GLU N   H2   sing N N 85  
GLU CA  C    sing N N 86  
GLU CA  CB   sing N N 87  
GLU CA  HA   sing N N 88  
GLU C   O    doub N N 89  
GLU C   OXT  sing N N 90  
GLU CB  CG   sing N N 91  
GLU CB  HB2  sing N N 92  
GLU CB  HB3  sing N N 93  
GLU CG  CD   sing N N 94  
GLU CG  HG2  sing N N 95  
GLU CG  HG3  sing N N 96  
GLU CD  OE1  doub N N 97  
GLU CD  OE2  sing N N 98  
GLU OE2 HE2  sing N N 99  
GLU OXT HXT  sing N N 100 
GLY N   CA   sing N N 101 
GLY N   H    sing N N 102 
GLY N   H2   sing N N 103 
GLY CA  C    sing N N 104 
GLY CA  HA2  sing N N 105 
GLY CA  HA3  sing N N 106 
GLY C   O    doub N N 107 
GLY C   OXT  sing N N 108 
GLY OXT HXT  sing N N 109 
HIS N   CA   sing N N 110 
HIS N   H    sing N N 111 
HIS N   H2   sing N N 112 
HIS CA  C    sing N N 113 
HIS CA  CB   sing N N 114 
HIS CA  HA   sing N N 115 
HIS C   O    doub N N 116 
HIS C   OXT  sing N N 117 
HIS CB  CG   sing N N 118 
HIS CB  HB2  sing N N 119 
HIS CB  HB3  sing N N 120 
HIS CG  ND1  sing Y N 121 
HIS CG  CD2  doub Y N 122 
HIS ND1 CE1  doub Y N 123 
HIS ND1 HD1  sing N N 124 
HIS CD2 NE2  sing Y N 125 
HIS CD2 HD2  sing N N 126 
HIS CE1 NE2  sing Y N 127 
HIS CE1 HE1  sing N N 128 
HIS NE2 HE2  sing N N 129 
HIS OXT HXT  sing N N 130 
ILE N   CA   sing N N 131 
ILE N   H    sing N N 132 
ILE N   H2   sing N N 133 
ILE CA  C    sing N N 134 
ILE CA  CB   sing N N 135 
ILE CA  HA   sing N N 136 
ILE C   O    doub N N 137 
ILE C   OXT  sing N N 138 
ILE CB  CG1  sing N N 139 
ILE CB  CG2  sing N N 140 
ILE CB  HB   sing N N 141 
ILE CG1 CD1  sing N N 142 
ILE CG1 HG12 sing N N 143 
ILE CG1 HG13 sing N N 144 
ILE CG2 HG21 sing N N 145 
ILE CG2 HG22 sing N N 146 
ILE CG2 HG23 sing N N 147 
ILE CD1 HD11 sing N N 148 
ILE CD1 HD12 sing N N 149 
ILE CD1 HD13 sing N N 150 
ILE OXT HXT  sing N N 151 
LEU N   CA   sing N N 152 
LEU N   H    sing N N 153 
LEU N   H2   sing N N 154 
LEU CA  C    sing N N 155 
LEU CA  CB   sing N N 156 
LEU CA  HA   sing N N 157 
LEU C   O    doub N N 158 
LEU C   OXT  sing N N 159 
LEU CB  CG   sing N N 160 
LEU CB  HB2  sing N N 161 
LEU CB  HB3  sing N N 162 
LEU CG  CD1  sing N N 163 
LEU CG  CD2  sing N N 164 
LEU CG  HG   sing N N 165 
LEU CD1 HD11 sing N N 166 
LEU CD1 HD12 sing N N 167 
LEU CD1 HD13 sing N N 168 
LEU CD2 HD21 sing N N 169 
LEU CD2 HD22 sing N N 170 
LEU CD2 HD23 sing N N 171 
LEU OXT HXT  sing N N 172 
LYS N   CA   sing N N 173 
LYS N   H    sing N N 174 
LYS N   H2   sing N N 175 
LYS CA  C    sing N N 176 
LYS CA  CB   sing N N 177 
LYS CA  HA   sing N N 178 
LYS C   O    doub N N 179 
LYS C   OXT  sing N N 180 
LYS CB  CG   sing N N 181 
LYS CB  HB2  sing N N 182 
LYS CB  HB3  sing N N 183 
LYS CG  CD   sing N N 184 
LYS CG  HG2  sing N N 185 
LYS CG  HG3  sing N N 186 
LYS CD  CE   sing N N 187 
LYS CD  HD2  sing N N 188 
LYS CD  HD3  sing N N 189 
LYS CE  NZ   sing N N 190 
LYS CE  HE2  sing N N 191 
LYS CE  HE3  sing N N 192 
LYS NZ  HZ1  sing N N 193 
LYS NZ  HZ2  sing N N 194 
LYS NZ  HZ3  sing N N 195 
LYS OXT HXT  sing N N 196 
PHE N   CA   sing N N 197 
PHE N   H    sing N N 198 
PHE N   H2   sing N N 199 
PHE CA  C    sing N N 200 
PHE CA  CB   sing N N 201 
PHE CA  HA   sing N N 202 
PHE C   O    doub N N 203 
PHE C   OXT  sing N N 204 
PHE CB  CG   sing N N 205 
PHE CB  HB2  sing N N 206 
PHE CB  HB3  sing N N 207 
PHE CG  CD1  doub Y N 208 
PHE CG  CD2  sing Y N 209 
PHE CD1 CE1  sing Y N 210 
PHE CD1 HD1  sing N N 211 
PHE CD2 CE2  doub Y N 212 
PHE CD2 HD2  sing N N 213 
PHE CE1 CZ   doub Y N 214 
PHE CE1 HE1  sing N N 215 
PHE CE2 CZ   sing Y N 216 
PHE CE2 HE2  sing N N 217 
PHE CZ  HZ   sing N N 218 
PHE OXT HXT  sing N N 219 
PRO N   CA   sing N N 220 
PRO N   CD   sing N N 221 
PRO N   H    sing N N 222 
PRO CA  C    sing N N 223 
PRO CA  CB   sing N N 224 
PRO CA  HA   sing N N 225 
PRO C   O    doub N N 226 
PRO C   OXT  sing N N 227 
PRO CB  CG   sing N N 228 
PRO CB  HB2  sing N N 229 
PRO CB  HB3  sing N N 230 
PRO CG  CD   sing N N 231 
PRO CG  HG2  sing N N 232 
PRO CG  HG3  sing N N 233 
PRO CD  HD2  sing N N 234 
PRO CD  HD3  sing N N 235 
PRO OXT HXT  sing N N 236 
SER N   CA   sing N N 237 
SER N   H    sing N N 238 
SER N   H2   sing N N 239 
SER CA  C    sing N N 240 
SER CA  CB   sing N N 241 
SER CA  HA   sing N N 242 
SER C   O    doub N N 243 
SER C   OXT  sing N N 244 
SER CB  OG   sing N N 245 
SER CB  HB2  sing N N 246 
SER CB  HB3  sing N N 247 
SER OG  HG   sing N N 248 
SER OXT HXT  sing N N 249 
THR N   CA   sing N N 250 
THR N   H    sing N N 251 
THR N   H2   sing N N 252 
THR CA  C    sing N N 253 
THR CA  CB   sing N N 254 
THR CA  HA   sing N N 255 
THR C   O    doub N N 256 
THR C   OXT  sing N N 257 
THR CB  OG1  sing N N 258 
THR CB  CG2  sing N N 259 
THR CB  HB   sing N N 260 
THR OG1 HG1  sing N N 261 
THR CG2 HG21 sing N N 262 
THR CG2 HG22 sing N N 263 
THR CG2 HG23 sing N N 264 
THR OXT HXT  sing N N 265 
TYR N   CA   sing N N 266 
TYR N   H    sing N N 267 
TYR N   H2   sing N N 268 
TYR CA  C    sing N N 269 
TYR CA  CB   sing N N 270 
TYR CA  HA   sing N N 271 
TYR C   O    doub N N 272 
TYR C   OXT  sing N N 273 
TYR CB  CG   sing N N 274 
TYR CB  HB2  sing N N 275 
TYR CB  HB3  sing N N 276 
TYR CG  CD1  doub Y N 277 
TYR CG  CD2  sing Y N 278 
TYR CD1 CE1  sing Y N 279 
TYR CD1 HD1  sing N N 280 
TYR CD2 CE2  doub Y N 281 
TYR CD2 HD2  sing N N 282 
TYR CE1 CZ   doub Y N 283 
TYR CE1 HE1  sing N N 284 
TYR CE2 CZ   sing Y N 285 
TYR CE2 HE2  sing N N 286 
TYR CZ  OH   sing N N 287 
TYR OH  HH   sing N N 288 
TYR OXT HXT  sing N N 289 
VAL N   CA   sing N N 290 
VAL N   H    sing N N 291 
VAL N   H2   sing N N 292 
VAL CA  C    sing N N 293 
VAL CA  CB   sing N N 294 
VAL CA  HA   sing N N 295 
VAL C   O    doub N N 296 
VAL C   OXT  sing N N 297 
VAL CB  CG1  sing N N 298 
VAL CB  CG2  sing N N 299 
VAL CB  HB   sing N N 300 
VAL CG1 HG11 sing N N 301 
VAL CG1 HG12 sing N N 302 
VAL CG1 HG13 sing N N 303 
VAL CG2 HG21 sing N N 304 
VAL CG2 HG22 sing N N 305 
VAL CG2 HG23 sing N N 306 
VAL OXT HXT  sing N N 307 
# 
_atom_sites.entry_id                    1FRE 
_atom_sites.fract_transf_matrix[1][1]   1.000000 
_atom_sites.fract_transf_matrix[1][2]   0.000000 
_atom_sites.fract_transf_matrix[1][3]   0.000000 
_atom_sites.fract_transf_matrix[2][1]   0.000000 
_atom_sites.fract_transf_matrix[2][2]   1.000000 
_atom_sites.fract_transf_matrix[2][3]   0.000000 
_atom_sites.fract_transf_matrix[3][1]   0.000000 
_atom_sites.fract_transf_matrix[3][2]   0.000000 
_atom_sites.fract_transf_matrix[3][3]   1.000000 
_atom_sites.fract_transf_vector[1]      0.00000 
_atom_sites.fract_transf_vector[2]      0.00000 
_atom_sites.fract_transf_vector[3]      0.00000 
# 
loop_
_atom_type.symbol 
C  
N  
O  
S  
ZN 
# 
loop_
_atom_site.group_PDB 
_atom_site.id 
_atom_site.type_symbol 
_atom_site.label_atom_id 
_atom_site.label_alt_id 
_atom_site.label_comp_id 
_atom_site.label_asym_id 
_atom_site.label_entity_id 
_atom_site.label_seq_id 
_atom_site.pdbx_PDB_ins_code 
_atom_site.Cartn_x 
_atom_site.Cartn_y 
_atom_site.Cartn_z 
_atom_site.occupancy 
_atom_site.B_iso_or_equiv 
_atom_site.pdbx_formal_charge 
_atom_site.auth_seq_id 
_atom_site.auth_comp_id 
_atom_site.auth_asym_id 
_atom_site.auth_atom_id 
_atom_site.pdbx_PDB_model_num 
ATOM   1   N  N   . GLU A 1 4  ? -2.915  -8.574  1.176   1.00 0.00 ? 4  GLU A N   1 
ATOM   2   C  CA  . GLU A 1 4  ? -2.080  -7.356  1.085   1.00 0.00 ? 4  GLU A CA  1 
ATOM   3   C  C   . GLU A 1 4  ? -0.623  -7.716  1.387   1.00 0.00 ? 4  GLU A C   1 
ATOM   4   O  O   . GLU A 1 4  ? -0.297  -8.162  2.469   1.00 0.00 ? 4  GLU A O   1 
ATOM   5   C  CB  . GLU A 1 4  ? -2.587  -6.334  2.108   1.00 0.00 ? 4  GLU A CB  1 
ATOM   6   C  CG  . GLU A 1 4  ? -2.771  -7.019  3.463   1.00 0.00 ? 4  GLU A CG  1 
ATOM   7   C  CD  . GLU A 1 4  ? -4.024  -6.468  4.147   1.00 0.00 ? 4  GLU A CD  1 
ATOM   8   O  OE1 . GLU A 1 4  ? -4.108  -5.260  4.301   1.00 0.00 ? 4  GLU A OE1 1 
ATOM   9   O  OE2 . GLU A 1 4  ? -4.877  -7.264  4.506   1.00 0.00 ? 4  GLU A OE2 1 
ATOM   10  N  N   . LYS A 1 5  ? 0.263   -7.517  0.445   1.00 0.00 ? 5  LYS A N   1 
ATOM   11  C  CA  . LYS A 1 5  ? 1.691   -7.837  0.699   1.00 0.00 ? 5  LYS A CA  1 
ATOM   12  C  C   . LYS A 1 5  ? 2.203   -6.870  1.757   1.00 0.00 ? 5  LYS A C   1 
ATOM   13  O  O   . LYS A 1 5  ? 2.268   -7.213  2.919   1.00 0.00 ? 5  LYS A O   1 
ATOM   14  C  CB  . LYS A 1 5  ? 2.507   -7.675  -0.587  1.00 0.00 ? 5  LYS A CB  1 
ATOM   15  C  CG  . LYS A 1 5  ? 3.252   -8.978  -0.888  1.00 0.00 ? 5  LYS A CG  1 
ATOM   16  C  CD  . LYS A 1 5  ? 4.613   -8.656  -1.506  1.00 0.00 ? 5  LYS A CD  1 
ATOM   17  C  CE  . LYS A 1 5  ? 5.693   -9.508  -0.838  1.00 0.00 ? 5  LYS A CE  1 
ATOM   18  N  NZ  . LYS A 1 5  ? 6.532   -10.159 -1.885  1.00 0.00 ? 5  LYS A NZ  1 
ATOM   19  N  N   . CYS A 1 6  ? 2.545   -5.660  1.348   1.00 0.00 ? 6  CYS A N   1 
ATOM   20  C  CA  . CYS A 1 6  ? 3.050   -4.605  2.299   1.00 0.00 ? 6  CYS A CA  1 
ATOM   21  C  C   . CYS A 1 6  ? 3.422   -5.249  3.634   1.00 0.00 ? 6  CYS A C   1 
ATOM   22  O  O   . CYS A 1 6  ? 2.756   -5.070  4.630   1.00 0.00 ? 6  CYS A O   1 
ATOM   23  C  CB  . CYS A 1 6  ? 1.957   -3.545  2.515   1.00 0.00 ? 6  CYS A CB  1 
ATOM   24  S  SG  . CYS A 1 6  ? 2.644   -1.868  2.345   1.00 0.00 ? 6  CYS A SG  1 
ATOM   25  N  N   . SER A 1 7  ? 4.458   -6.040  3.642   1.00 0.00 ? 7  SER A N   1 
ATOM   26  C  CA  . SER A 1 7  ? 4.857   -6.741  4.893   1.00 0.00 ? 7  SER A CA  1 
ATOM   27  C  C   . SER A 1 7  ? 5.935   -5.944  5.623   1.00 0.00 ? 7  SER A C   1 
ATOM   28  O  O   . SER A 1 7  ? 6.623   -5.139  5.035   1.00 0.00 ? 7  SER A O   1 
ATOM   29  C  CB  . SER A 1 7  ? 5.410   -8.118  4.531   1.00 0.00 ? 7  SER A CB  1 
ATOM   30  O  OG  . SER A 1 7  ? 4.331   -9.007  4.277   1.00 0.00 ? 7  SER A OG  1 
ATOM   31  N  N   . GLU A 1 8  ? 6.087   -6.183  6.902   1.00 0.00 ? 8  GLU A N   1 
ATOM   32  C  CA  . GLU A 1 8  ? 7.126   -5.461  7.694   1.00 0.00 ? 8  GLU A CA  1 
ATOM   33  C  C   . GLU A 1 8  ? 7.196   -4.003  7.258   1.00 0.00 ? 8  GLU A C   1 
ATOM   34  O  O   . GLU A 1 8  ? 7.833   -3.661  6.283   1.00 0.00 ? 8  GLU A O   1 
ATOM   35  C  CB  . GLU A 1 8  ? 8.479   -6.135  7.475   1.00 0.00 ? 8  GLU A CB  1 
ATOM   36  C  CG  . GLU A 1 8  ? 8.733   -6.322  5.974   1.00 0.00 ? 8  GLU A CG  1 
ATOM   37  C  CD  . GLU A 1 8  ? 10.135  -6.894  5.762   1.00 0.00 ? 8  GLU A CD  1 
ATOM   38  O  OE1 . GLU A 1 8  ? 11.089  -6.193  6.056   1.00 0.00 ? 8  GLU A OE1 1 
ATOM   39  O  OE2 . GLU A 1 8  ? 10.232  -8.023  5.308   1.00 0.00 ? 8  GLU A OE2 1 
ATOM   40  N  N   . HIS A 1 9  ? 6.537   -3.135  7.965   1.00 0.00 ? 9  HIS A N   1 
ATOM   41  C  CA  . HIS A 1 9  ? 6.554   -1.711  7.566   1.00 0.00 ? 9  HIS A CA  1 
ATOM   42  C  C   . HIS A 1 9  ? 5.686   -0.877  8.537   1.00 0.00 ? 9  HIS A C   1 
ATOM   43  O  O   . HIS A 1 9  ? 6.203   -0.027  9.234   1.00 0.00 ? 9  HIS A O   1 
ATOM   44  C  CB  . HIS A 1 9  ? 6.054   -1.598  6.118   1.00 0.00 ? 9  HIS A CB  1 
ATOM   45  C  CG  . HIS A 1 9  ? 4.692   -2.192  5.981   1.00 0.00 ? 9  HIS A CG  1 
ATOM   46  N  ND1 . HIS A 1 9  ? 4.215   -3.192  6.804   1.00 0.00 ? 9  HIS A ND1 1 
ATOM   47  C  CD2 . HIS A 1 9  ? 3.659   -1.849  5.174   1.00 0.00 ? 9  HIS A CD2 1 
ATOM   48  C  CE1 . HIS A 1 9  ? 2.942   -3.387  6.492   1.00 0.00 ? 9  HIS A CE1 1 
ATOM   49  N  NE2 . HIS A 1 9  ? 2.535   -2.590  5.497   1.00 0.00 ? 9  HIS A NE2 1 
ATOM   50  N  N   . ASP A 1 10 ? 4.386   -1.100  8.623   1.00 0.00 ? 10 ASP A N   1 
ATOM   51  C  CA  . ASP A 1 10 ? 3.574   -0.310  9.570   1.00 0.00 ? 10 ASP A CA  1 
ATOM   52  C  C   . ASP A 1 10 ? 2.919   -1.264  10.566  1.00 0.00 ? 10 ASP A C   1 
ATOM   53  O  O   . ASP A 1 10 ? 2.582   -2.383  10.231  1.00 0.00 ? 10 ASP A O   1 
ATOM   54  C  CB  . ASP A 1 10 ? 2.510   0.460   8.803   1.00 0.00 ? 10 ASP A CB  1 
ATOM   55  C  CG  . ASP A 1 10 ? 2.976   1.902   8.598   1.00 0.00 ? 10 ASP A CG  1 
ATOM   56  O  OD1 . ASP A 1 10 ? 4.035   2.240   9.101   1.00 0.00 ? 10 ASP A OD1 1 
ATOM   57  O  OD2 . ASP A 1 10 ? 2.265   2.647   7.943   1.00 0.00 ? 10 ASP A OD2 1 
ATOM   58  N  N   . GLU A 1 11 ? 2.746   -0.846  11.787  1.00 0.00 ? 11 GLU A N   1 
ATOM   59  C  CA  . GLU A 1 11 ? 2.122   -1.748  12.795  1.00 0.00 ? 11 GLU A CA  1 
ATOM   60  C  C   . GLU A 1 11 ? 0.599   -1.658  12.692  1.00 0.00 ? 11 GLU A C   1 
ATOM   61  O  O   . GLU A 1 11 ? -0.088  -1.552  13.687  1.00 0.00 ? 11 GLU A O   1 
ATOM   62  C  CB  . GLU A 1 11 ? 2.565   -1.329  14.199  1.00 0.00 ? 11 GLU A CB  1 
ATOM   63  C  CG  . GLU A 1 11 ? 2.056   -2.349  15.220  1.00 0.00 ? 11 GLU A CG  1 
ATOM   64  C  CD  . GLU A 1 11 ? 3.215   -2.808  16.106  1.00 0.00 ? 11 GLU A CD  1 
ATOM   65  O  OE1 . GLU A 1 11 ? 3.703   -1.998  16.877  1.00 0.00 ? 11 GLU A OE1 1 
ATOM   66  O  OE2 . GLU A 1 11 ? 3.596   -3.963  15.998  1.00 0.00 ? 11 GLU A OE2 1 
ATOM   67  N  N   . ARG A 1 12 ? 0.068   -1.706  11.495  1.00 0.00 ? 12 ARG A N   1 
ATOM   68  C  CA  . ARG A 1 12 ? -1.415  -1.627  11.326  1.00 0.00 ? 12 ARG A CA  1 
ATOM   69  C  C   . ARG A 1 12 ? -1.770  -1.244  9.880   1.00 0.00 ? 12 ARG A C   1 
ATOM   70  O  O   . ARG A 1 12 ? -2.910  -1.354  9.474   1.00 0.00 ? 12 ARG A O   1 
ATOM   71  C  CB  . ARG A 1 12 ? -1.986  -0.573  12.288  1.00 0.00 ? 12 ARG A CB  1 
ATOM   72  C  CG  . ARG A 1 12 ? -3.397  -0.169  11.852  1.00 0.00 ? 12 ARG A CG  1 
ATOM   73  C  CD  . ARG A 1 12 ? -4.331  -1.376  11.957  1.00 0.00 ? 12 ARG A CD  1 
ATOM   74  N  NE  . ARG A 1 12 ? -5.531  -1.006  12.757  1.00 0.00 ? 12 ARG A NE  1 
ATOM   75  C  CZ  . ARG A 1 12 ? -6.621  -1.718  12.667  1.00 0.00 ? 12 ARG A CZ  1 
ATOM   76  N  NH1 . ARG A 1 12 ? -6.613  -2.971  13.032  1.00 0.00 ? 12 ARG A NH1 1 
ATOM   77  N  NH2 . ARG A 1 12 ? -7.718  -1.178  12.210  1.00 0.00 ? 12 ARG A NH2 1 
ATOM   78  N  N   . LEU A 1 13 ? -0.827  -0.778  9.101   1.00 0.00 ? 13 LEU A N   1 
ATOM   79  C  CA  . LEU A 1 13 ? -1.167  -0.379  7.707   1.00 0.00 ? 13 LEU A CA  1 
ATOM   80  C  C   . LEU A 1 13 ? -0.850  -1.510  6.725   1.00 0.00 ? 13 LEU A C   1 
ATOM   81  O  O   . LEU A 1 13 ? 0.258   -2.006  6.663   1.00 0.00 ? 13 LEU A O   1 
ATOM   82  C  CB  . LEU A 1 13 ? -0.360  0.862   7.311   1.00 0.00 ? 13 LEU A CB  1 
ATOM   83  C  CG  . LEU A 1 13 ? -0.828  2.092   8.098   1.00 0.00 ? 13 LEU A CG  1 
ATOM   84  C  CD1 . LEU A 1 13 ? -2.348  2.091   8.191   1.00 0.00 ? 13 LEU A CD1 1 
ATOM   85  C  CD2 . LEU A 1 13 ? -0.238  2.076   9.511   1.00 0.00 ? 13 LEU A CD2 1 
ATOM   86  N  N   . LYS A 1 14 ? -1.819  -1.887  5.927   1.00 0.00 ? 14 LYS A N   1 
ATOM   87  C  CA  . LYS A 1 14 ? -1.621  -2.957  4.896   1.00 0.00 ? 14 LYS A CA  1 
ATOM   88  C  C   . LYS A 1 14 ? -2.651  -2.682  3.762   1.00 0.00 ? 14 LYS A C   1 
ATOM   89  O  O   . LYS A 1 14 ? -3.799  -2.411  4.054   1.00 0.00 ? 14 LYS A O   1 
ATOM   90  C  CB  . LYS A 1 14 ? -1.889  -4.334  5.528   1.00 0.00 ? 14 LYS A CB  1 
ATOM   91  C  CG  . LYS A 1 14 ? -0.893  -4.604  6.674   1.00 0.00 ? 14 LYS A CG  1 
ATOM   92  C  CD  . LYS A 1 14 ? 0.454   -5.055  6.111   1.00 0.00 ? 14 LYS A CD  1 
ATOM   93  C  CE  . LYS A 1 14 ? 0.250   -6.180  5.104   1.00 0.00 ? 14 LYS A CE  1 
ATOM   94  N  NZ  . LYS A 1 14 ? 0.146   -5.599  3.738   1.00 0.00 ? 14 LYS A NZ  1 
ATOM   95  N  N   . LEU A 1 15 ? -2.290  -2.701  2.482   1.00 0.00 ? 15 LEU A N   1 
ATOM   96  C  CA  . LEU A 1 15 ? -3.340  -2.381  1.450   1.00 0.00 ? 15 LEU A CA  1 
ATOM   97  C  C   . LEU A 1 15 ? -2.909  -2.744  0.018   1.00 0.00 ? 15 LEU A C   1 
ATOM   98  O  O   . LEU A 1 15 ? -2.254  -3.702  -0.180  1.00 0.00 ? 15 LEU A O   1 
ATOM   99  C  CB  . LEU A 1 15 ? -3.640  -0.887  1.508   1.00 0.00 ? 15 LEU A CB  1 
ATOM   100 C  CG  . LEU A 1 15 ? -5.080  -0.581  1.123   1.00 0.00 ? 15 LEU A CG  1 
ATOM   101 C  CD1 . LEU A 1 15 ? -5.035  0.562   0.100   1.00 0.00 ? 15 LEU A CD1 1 
ATOM   102 C  CD2 . LEU A 1 15 ? -5.795  -1.829  0.535   1.00 0.00 ? 15 LEU A CD2 1 
ATOM   103 N  N   . TYR A 1 16 ? -3.304  -1.962  -0.984  1.00 0.00 ? 16 TYR A N   1 
ATOM   104 C  CA  . TYR A 1 16 ? -2.942  -2.269  -2.414  1.00 0.00 ? 16 TYR A CA  1 
ATOM   105 C  C   . TYR A 1 16 ? -3.251  -1.091  -3.363  1.00 0.00 ? 16 TYR A C   1 
ATOM   106 O  O   . TYR A 1 16 ? -4.129  -0.286  -3.121  1.00 0.00 ? 16 TYR A O   1 
ATOM   107 C  CB  . TYR A 1 16 ? -3.726  -3.505  -2.846  1.00 0.00 ? 16 TYR A CB  1 
ATOM   108 C  CG  . TYR A 1 16 ? -4.415  -3.356  -4.174  1.00 0.00 ? 16 TYR A CG  1 
ATOM   109 C  CD1 . TYR A 1 16 ? -5.634  -2.673  -4.251  1.00 0.00 ? 16 TYR A CD1 1 
ATOM   110 C  CD2 . TYR A 1 16 ? -3.856  -3.919  -5.327  1.00 0.00 ? 16 TYR A CD2 1 
ATOM   111 C  CE1 . TYR A 1 16 ? -6.290  -2.551  -5.479  1.00 0.00 ? 16 TYR A CE1 1 
ATOM   112 C  CE2 . TYR A 1 16 ? -4.518  -3.801  -6.554  1.00 0.00 ? 16 TYR A CE2 1 
ATOM   113 C  CZ  . TYR A 1 16 ? -5.731  -3.118  -6.629  1.00 0.00 ? 16 TYR A CZ  1 
ATOM   114 O  OH  . TYR A 1 16 ? -6.382  -3.002  -7.839  1.00 0.00 ? 16 TYR A OH  1 
ATOM   115 N  N   . CYS A 1 17 ? -2.529  -1.020  -4.461  1.00 0.00 ? 17 CYS A N   1 
ATOM   116 C  CA  . CYS A 1 17 ? -2.745  0.059   -5.477  1.00 0.00 ? 17 CYS A CA  1 
ATOM   117 C  C   . CYS A 1 17 ? -2.902  -0.596  -6.854  1.00 0.00 ? 17 CYS A C   1 
ATOM   118 O  O   . CYS A 1 17 ? -3.992  -0.901  -7.291  1.00 0.00 ? 17 CYS A O   1 
ATOM   119 C  CB  . CYS A 1 17 ? -1.538  0.997   -5.524  1.00 0.00 ? 17 CYS A CB  1 
ATOM   120 S  SG  . CYS A 1 17 ? -1.716  2.123   -6.931  1.00 0.00 ? 17 CYS A SG  1 
ATOM   121 N  N   . LYS A 1 18 ? -1.804  -0.822  -7.530  1.00 0.00 ? 18 LYS A N   1 
ATOM   122 C  CA  . LYS A 1 18 ? -1.854  -1.468  -8.874  1.00 0.00 ? 18 LYS A CA  1 
ATOM   123 C  C   . LYS A 1 18 ? -2.668  -0.608  -9.843  1.00 0.00 ? 18 LYS A C   1 
ATOM   124 O  O   . LYS A 1 18 ? -3.429  0.251   -9.444  1.00 0.00 ? 18 LYS A O   1 
ATOM   125 C  CB  . LYS A 1 18 ? -2.488  -2.851  -8.746  1.00 0.00 ? 18 LYS A CB  1 
ATOM   126 C  CG  . LYS A 1 18 ? -1.649  -3.704  -7.788  1.00 0.00 ? 18 LYS A CG  1 
ATOM   127 C  CD  . LYS A 1 18 ? -0.913  -4.791  -8.576  1.00 0.00 ? 18 LYS A CD  1 
ATOM   128 C  CE  . LYS A 1 18 ? -1.912  -5.563  -9.441  1.00 0.00 ? 18 LYS A CE  1 
ATOM   129 N  NZ  . LYS A 1 18 ? -1.427  -6.959  -9.635  1.00 0.00 ? 18 LYS A NZ  1 
ATOM   130 N  N   . ASP A 1 19 ? -2.502  -0.832  -11.120 1.00 0.00 ? 19 ASP A N   1 
ATOM   131 C  CA  . ASP A 1 19 ? -3.249  -0.031  -12.130 1.00 0.00 ? 19 ASP A CA  1 
ATOM   132 C  C   . ASP A 1 19 ? -4.754  -0.143  -11.880 1.00 0.00 ? 19 ASP A C   1 
ATOM   133 O  O   . ASP A 1 19 ? -5.283  -1.213  -11.656 1.00 0.00 ? 19 ASP A O   1 
ATOM   134 C  CB  . ASP A 1 19 ? -2.925  -0.554  -13.532 1.00 0.00 ? 19 ASP A CB  1 
ATOM   135 C  CG  . ASP A 1 19 ? -2.823  -2.079  -13.500 1.00 0.00 ? 19 ASP A CG  1 
ATOM   136 O  OD1 . ASP A 1 19 ? -1.740  -2.575  -13.236 1.00 0.00 ? 19 ASP A OD1 1 
ATOM   137 O  OD2 . ASP A 1 19 ? -3.829  -2.726  -13.739 1.00 0.00 ? 19 ASP A OD2 1 
ATOM   138 N  N   . ASP A 1 20 ? -5.447  0.963   -11.921 1.00 0.00 ? 20 ASP A N   1 
ATOM   139 C  CA  . ASP A 1 20 ? -6.921  0.942   -11.693 1.00 0.00 ? 20 ASP A CA  1 
ATOM   140 C  C   . ASP A 1 20 ? -7.464  2.364   -11.777 1.00 0.00 ? 20 ASP A C   1 
ATOM   141 O  O   . ASP A 1 20 ? -8.214  2.810   -10.931 1.00 0.00 ? 20 ASP A O   1 
ATOM   142 C  CB  . ASP A 1 20 ? -7.242  0.392   -10.309 1.00 0.00 ? 20 ASP A CB  1 
ATOM   143 C  CG  . ASP A 1 20 ? -5.998  0.428   -9.417  1.00 0.00 ? 20 ASP A CG  1 
ATOM   144 O  OD1 . ASP A 1 20 ? -5.435  1.498   -9.260  1.00 0.00 ? 20 ASP A OD1 1 
ATOM   145 O  OD2 . ASP A 1 20 ? -5.633  -0.617  -8.906  1.00 0.00 ? 20 ASP A OD2 1 
ATOM   146 N  N   . GLY A 1 21 ? -7.078  3.078   -12.782 1.00 0.00 ? 21 GLY A N   1 
ATOM   147 C  CA  . GLY A 1 21 ? -7.549  4.481   -12.932 1.00 0.00 ? 21 GLY A CA  1 
ATOM   148 C  C   . GLY A 1 21 ? -6.615  5.399   -12.145 1.00 0.00 ? 21 GLY A C   1 
ATOM   149 O  O   . GLY A 1 21 ? -6.109  6.378   -12.656 1.00 0.00 ? 21 GLY A O   1 
ATOM   150 N  N   . THR A 1 22 ? -6.373  5.079   -10.903 1.00 0.00 ? 22 THR A N   1 
ATOM   151 C  CA  . THR A 1 22 ? -5.462  5.921   -10.078 1.00 0.00 ? 22 THR A CA  1 
ATOM   152 C  C   . THR A 1 22 ? -4.075  5.273   -10.035 1.00 0.00 ? 22 THR A C   1 
ATOM   153 O  O   . THR A 1 22 ? -3.811  4.405   -9.227  1.00 0.00 ? 22 THR A O   1 
ATOM   154 C  CB  . THR A 1 22 ? -6.017  6.037   -8.657  1.00 0.00 ? 22 THR A CB  1 
ATOM   155 O  OG1 . THR A 1 22 ? -7.420  6.256   -8.714  1.00 0.00 ? 22 THR A OG1 1 
ATOM   156 C  CG2 . THR A 1 22 ? -5.344  7.207   -7.938  1.00 0.00 ? 22 THR A CG2 1 
ATOM   157 N  N   . LEU A 1 23 ? -3.187  5.685   -10.898 1.00 0.00 ? 23 LEU A N   1 
ATOM   158 C  CA  . LEU A 1 23 ? -1.821  5.087   -10.903 1.00 0.00 ? 23 LEU A CA  1 
ATOM   159 C  C   . LEU A 1 23 ? -1.122  5.396   -9.577  1.00 0.00 ? 23 LEU A C   1 
ATOM   160 O  O   . LEU A 1 23 ? -0.964  6.540   -9.200  1.00 0.00 ? 23 LEU A O   1 
ATOM   161 C  CB  . LEU A 1 23 ? -1.008  5.679   -12.056 1.00 0.00 ? 23 LEU A CB  1 
ATOM   162 C  CG  . LEU A 1 23 ? -0.972  7.203   -11.926 1.00 0.00 ? 23 LEU A CG  1 
ATOM   163 C  CD1 . LEU A 1 23 ? 0.471   7.665   -11.716 1.00 0.00 ? 23 LEU A CD1 1 
ATOM   164 C  CD2 . LEU A 1 23 ? -1.527  7.836   -13.204 1.00 0.00 ? 23 LEU A CD2 1 
ATOM   165 N  N   . SER A 1 24 ? -0.701  4.383   -8.867  1.00 0.00 ? 24 SER A N   1 
ATOM   166 C  CA  . SER A 1 24 ? -0.011  4.620   -7.566  1.00 0.00 ? 24 SER A CA  1 
ATOM   167 C  C   . SER A 1 24 ? -0.940  5.397   -6.631  1.00 0.00 ? 24 SER A C   1 
ATOM   168 O  O   . SER A 1 24 ? -1.291  6.530   -6.896  1.00 0.00 ? 24 SER A O   1 
ATOM   169 C  CB  . SER A 1 24 ? 1.261   5.433   -7.805  1.00 0.00 ? 24 SER A CB  1 
ATOM   170 O  OG  . SER A 1 24 ? 2.196   4.643   -8.526  1.00 0.00 ? 24 SER A OG  1 
ATOM   171 N  N   . CYS A 1 25 ? -1.341  4.805   -5.538  1.00 0.00 ? 25 CYS A N   1 
ATOM   172 C  CA  . CYS A 1 25 ? -2.241  5.526   -4.601  1.00 0.00 ? 25 CYS A CA  1 
ATOM   173 C  C   . CYS A 1 25 ? -1.764  5.253   -3.184  1.00 0.00 ? 25 CYS A C   1 
ATOM   174 O  O   . CYS A 1 25 ? -0.633  4.862   -2.972  1.00 0.00 ? 25 CYS A O   1 
ATOM   175 C  CB  . CYS A 1 25 ? -3.671  5.000   -4.757  1.00 0.00 ? 25 CYS A CB  1 
ATOM   176 S  SG  . CYS A 1 25 ? -3.985  4.579   -6.491  1.00 0.00 ? 25 CYS A SG  1 
ATOM   177 N  N   . VAL A 1 26 ? -2.619  5.419   -2.213  1.00 0.00 ? 26 VAL A N   1 
ATOM   178 C  CA  . VAL A 1 26 ? -2.215  5.120   -0.813  1.00 0.00 ? 26 VAL A CA  1 
ATOM   179 C  C   . VAL A 1 26 ? -1.449  3.813   -0.828  1.00 0.00 ? 26 VAL A C   1 
ATOM   180 O  O   . VAL A 1 26 ? -1.971  2.846   -1.296  1.00 0.00 ? 26 VAL A O   1 
ATOM   181 C  CB  . VAL A 1 26 ? -3.469  4.937   0.035   1.00 0.00 ? 26 VAL A CB  1 
ATOM   182 C  CG1 . VAL A 1 26 ? -4.156  6.286   0.236   1.00 0.00 ? 26 VAL A CG1 1 
ATOM   183 C  CG2 . VAL A 1 26 ? -4.422  3.975   -0.678  1.00 0.00 ? 26 VAL A CG2 1 
ATOM   184 N  N   . ILE A 1 27 ? -0.229  3.756   -0.350  1.00 0.00 ? 27 ILE A N   1 
ATOM   185 C  CA  . ILE A 1 27 ? 0.489   2.445   -0.395  1.00 0.00 ? 27 ILE A CA  1 
ATOM   186 C  C   . ILE A 1 27 ? 0.040   1.581   0.790   1.00 0.00 ? 27 ILE A C   1 
ATOM   187 O  O   . ILE A 1 27 ? 0.581   0.527   1.057   1.00 0.00 ? 27 ILE A O   1 
ATOM   188 C  CB  . ILE A 1 27 ? 2.006   2.613   -0.333  1.00 0.00 ? 27 ILE A CB  1 
ATOM   189 C  CG1 . ILE A 1 27 ? 2.538   3.212   -1.639  1.00 0.00 ? 27 ILE A CG1 1 
ATOM   190 C  CG2 . ILE A 1 27 ? 2.619   1.227   -0.137  1.00 0.00 ? 27 ILE A CG2 1 
ATOM   191 C  CD1 . ILE A 1 27 ? 1.852   2.554   -2.837  1.00 0.00 ? 27 ILE A CD1 1 
ATOM   192 N  N   . CYS A 1 28 ? -0.952  2.002   1.489   1.00 0.00 ? 28 CYS A N   1 
ATOM   193 C  CA  . CYS A 1 28 ? -1.446  1.195   2.624   1.00 0.00 ? 28 CYS A CA  1 
ATOM   194 C  C   . CYS A 1 28 ? -2.710  1.849   3.111   1.00 0.00 ? 28 CYS A C   1 
ATOM   195 O  O   . CYS A 1 28 ? -3.002  1.907   4.289   1.00 0.00 ? 28 CYS A O   1 
ATOM   196 C  CB  . CYS A 1 28 ? -0.404  1.158   3.726   1.00 0.00 ? 28 CYS A CB  1 
ATOM   197 S  SG  . CYS A 1 28 ? -0.056  -0.570  4.105   1.00 0.00 ? 28 CYS A SG  1 
ATOM   198 N  N   . ARG A 1 29 ? -3.436  2.384   2.184   1.00 0.00 ? 29 ARG A N   1 
ATOM   199 C  CA  . ARG A 1 29 ? -4.686  3.101   2.537   1.00 0.00 ? 29 ARG A CA  1 
ATOM   200 C  C   . ARG A 1 29 ? -4.297  4.486   3.052   1.00 0.00 ? 29 ARG A C   1 
ATOM   201 O  O   . ARG A 1 29 ? -5.137  5.292   3.403   1.00 0.00 ? 29 ARG A O   1 
ATOM   202 C  CB  . ARG A 1 29 ? -5.438  2.332   3.627   1.00 0.00 ? 29 ARG A CB  1 
ATOM   203 C  CG  . ARG A 1 29 ? -6.945  2.536   3.452   1.00 0.00 ? 29 ARG A CG  1 
ATOM   204 C  CD  . ARG A 1 29 ? -7.635  2.440   4.813   1.00 0.00 ? 29 ARG A CD  1 
ATOM   205 N  NE  . ARG A 1 29 ? -7.721  1.012   5.228   1.00 0.00 ? 29 ARG A NE  1 
ATOM   206 C  CZ  . ARG A 1 29 ? -7.455  0.671   6.460   1.00 0.00 ? 29 ARG A CZ  1 
ATOM   207 N  NH1 . ARG A 1 29 ? -6.264  0.877   6.951   1.00 0.00 ? 29 ARG A NH1 1 
ATOM   208 N  NH2 . ARG A 1 29 ? -8.381  0.125   7.201   1.00 0.00 ? 29 ARG A NH2 1 
ATOM   209 N  N   . ASP A 1 30 ? -3.017  4.771   3.088   1.00 0.00 ? 30 ASP A N   1 
ATOM   210 C  CA  . ASP A 1 30 ? -2.560  6.096   3.563   1.00 0.00 ? 30 ASP A CA  1 
ATOM   211 C  C   . ASP A 1 30 ? -1.164  6.381   3.000   1.00 0.00 ? 30 ASP A C   1 
ATOM   212 O  O   . ASP A 1 30 ? -0.870  7.484   2.587   1.00 0.00 ? 30 ASP A O   1 
ATOM   213 C  CB  . ASP A 1 30 ? -2.519  6.091   5.091   1.00 0.00 ? 30 ASP A CB  1 
ATOM   214 C  CG  . ASP A 1 30 ? -3.265  7.315   5.627   1.00 0.00 ? 30 ASP A CG  1 
ATOM   215 O  OD1 . ASP A 1 30 ? -4.476  7.355   5.485   1.00 0.00 ? 30 ASP A OD1 1 
ATOM   216 O  OD2 . ASP A 1 30 ? -2.612  8.191   6.170   1.00 0.00 ? 30 ASP A OD2 1 
ATOM   217 N  N   . SER A 1 31 ? -0.312  5.391   2.970   1.00 0.00 ? 31 SER A N   1 
ATOM   218 C  CA  . SER A 1 31 ? 1.062   5.592   2.418   1.00 0.00 ? 31 SER A CA  1 
ATOM   219 C  C   . SER A 1 31 ? 1.958   6.284   3.454   1.00 0.00 ? 31 SER A C   1 
ATOM   220 O  O   . SER A 1 31 ? 2.525   7.328   3.203   1.00 0.00 ? 31 SER A O   1 
ATOM   221 C  CB  . SER A 1 31 ? 0.980   6.444   1.144   1.00 0.00 ? 31 SER A CB  1 
ATOM   222 O  OG  . SER A 1 31 ? 1.129   7.820   1.472   1.00 0.00 ? 31 SER A OG  1 
ATOM   223 N  N   . LEU A 1 32 ? 2.107   5.709   4.617   1.00 0.00 ? 32 LEU A N   1 
ATOM   224 C  CA  . LEU A 1 32 ? 2.980   6.348   5.641   1.00 0.00 ? 32 LEU A CA  1 
ATOM   225 C  C   . LEU A 1 32 ? 4.215   5.478   5.875   1.00 0.00 ? 32 LEU A C   1 
ATOM   226 O  O   . LEU A 1 32 ? 4.113   4.309   6.184   1.00 0.00 ? 32 LEU A O   1 
ATOM   227 C  CB  . LEU A 1 32 ? 2.205   6.508   6.952   1.00 0.00 ? 32 LEU A CB  1 
ATOM   228 C  CG  . LEU A 1 32 ? 1.598   7.910   7.019   1.00 0.00 ? 32 LEU A CG  1 
ATOM   229 C  CD1 . LEU A 1 32 ? 0.843   8.204   5.722   1.00 0.00 ? 32 LEU A CD1 1 
ATOM   230 C  CD2 . LEU A 1 32 ? 0.628   7.988   8.201   1.00 0.00 ? 32 LEU A CD2 1 
ATOM   231 N  N   . LYS A 1 33 ? 5.383   6.041   5.720   1.00 0.00 ? 33 LYS A N   1 
ATOM   232 C  CA  . LYS A 1 33 ? 6.627   5.246   5.921   1.00 0.00 ? 33 LYS A CA  1 
ATOM   233 C  C   . LYS A 1 33 ? 6.709   4.165   4.842   1.00 0.00 ? 33 LYS A C   1 
ATOM   234 O  O   . LYS A 1 33 ? 7.527   3.270   4.905   1.00 0.00 ? 33 LYS A O   1 
ATOM   235 C  CB  . LYS A 1 33 ? 6.601   4.587   7.303   1.00 0.00 ? 33 LYS A CB  1 
ATOM   236 C  CG  . LYS A 1 33 ? 8.020   4.541   7.873   1.00 0.00 ? 33 LYS A CG  1 
ATOM   237 C  CD  . LYS A 1 33 ? 7.999   4.993   9.335   1.00 0.00 ? 33 LYS A CD  1 
ATOM   238 C  CE  . LYS A 1 33 ? 9.366   4.732   9.969   1.00 0.00 ? 33 LYS A CE  1 
ATOM   239 N  NZ  . LYS A 1 33 ? 10.133  6.008   10.041  1.00 0.00 ? 33 LYS A NZ  1 
ATOM   240 N  N   . HIS A 1 34 ? 5.864   4.244   3.849   1.00 0.00 ? 34 HIS A N   1 
ATOM   241 C  CA  . HIS A 1 34 ? 5.887   3.224   2.763   1.00 0.00 ? 34 HIS A CA  1 
ATOM   242 C  C   . HIS A 1 34 ? 6.560   3.810   1.527   1.00 0.00 ? 34 HIS A C   1 
ATOM   243 O  O   . HIS A 1 34 ? 7.554   3.301   1.051   1.00 0.00 ? 34 HIS A O   1 
ATOM   244 C  CB  . HIS A 1 34 ? 4.436   2.820   2.400   1.00 0.00 ? 34 HIS A CB  1 
ATOM   245 C  CG  . HIS A 1 34 ? 3.889   1.958   3.515   1.00 0.00 ? 34 HIS A CG  1 
ATOM   246 N  ND1 . HIS A 1 34 ? 4.268   2.116   4.841   1.00 0.00 ? 34 HIS A ND1 1 
ATOM   247 C  CD2 . HIS A 1 34 ? 2.985   0.927   3.508   1.00 0.00 ? 34 HIS A CD2 1 
ATOM   248 C  CE1 . HIS A 1 34 ? 3.596   1.197   5.565   1.00 0.00 ? 34 HIS A CE1 1 
ATOM   249 N  NE2 . HIS A 1 34 ? 2.803   0.450   4.799   1.00 0.00 ? 34 HIS A NE2 1 
ATOM   250 N  N   . ALA A 1 35 ? 6.020   4.875   1.004   1.00 0.00 ? 35 ALA A N   1 
ATOM   251 C  CA  . ALA A 1 35 ? 6.620   5.495   -0.210  1.00 0.00 ? 35 ALA A CA  1 
ATOM   252 C  C   . ALA A 1 35 ? 6.247   4.667   -1.445  1.00 0.00 ? 35 ALA A C   1 
ATOM   253 O  O   . ALA A 1 35 ? 5.383   5.043   -2.212  1.00 0.00 ? 35 ALA A O   1 
ATOM   254 C  CB  . ALA A 1 35 ? 8.142   5.534   -0.067  1.00 0.00 ? 35 ALA A CB  1 
ATOM   255 N  N   . SER A 1 36 ? 6.892   3.548   -1.649  1.00 0.00 ? 36 SER A N   1 
ATOM   256 C  CA  . SER A 1 36 ? 6.566   2.716   -2.840  1.00 0.00 ? 36 SER A CA  1 
ATOM   257 C  C   . SER A 1 36 ? 6.883   1.241   -2.565  1.00 0.00 ? 36 SER A C   1 
ATOM   258 O  O   . SER A 1 36 ? 7.044   0.458   -3.479  1.00 0.00 ? 36 SER A O   1 
ATOM   259 C  CB  . SER A 1 36 ? 7.390   3.197   -4.035  1.00 0.00 ? 36 SER A CB  1 
ATOM   260 O  OG  . SER A 1 36 ? 6.916   4.471   -4.451  1.00 0.00 ? 36 SER A OG  1 
ATOM   261 N  N   . HIS A 1 37 ? 6.967   0.848   -1.321  1.00 0.00 ? 37 HIS A N   1 
ATOM   262 C  CA  . HIS A 1 37 ? 7.264   -0.584  -1.024  1.00 0.00 ? 37 HIS A CA  1 
ATOM   263 C  C   . HIS A 1 37 ? 6.311   -1.459  -1.844  1.00 0.00 ? 37 HIS A C   1 
ATOM   264 O  O   . HIS A 1 37 ? 6.588   -1.791  -2.980  1.00 0.00 ? 37 HIS A O   1 
ATOM   265 C  CB  . HIS A 1 37 ? 7.079   -0.853  0.477   1.00 0.00 ? 37 HIS A CB  1 
ATOM   266 C  CG  . HIS A 1 37 ? 6.870   -2.327  0.727   1.00 0.00 ? 37 HIS A CG  1 
ATOM   267 N  ND1 . HIS A 1 37 ? 7.840   -3.281  0.447   1.00 0.00 ? 37 HIS A ND1 1 
ATOM   268 C  CD2 . HIS A 1 37 ? 5.803   -3.022  1.235   1.00 0.00 ? 37 HIS A CD2 1 
ATOM   269 C  CE1 . HIS A 1 37 ? 7.333   -4.484  0.788   1.00 0.00 ? 37 HIS A CE1 1 
ATOM   270 N  NE2 . HIS A 1 37 ? 6.097   -4.380  1.273   1.00 0.00 ? 37 HIS A NE2 1 
ATOM   271 N  N   . ASN A 1 38 ? 5.188   -1.830  -1.290  1.00 0.00 ? 38 ASN A N   1 
ATOM   272 C  CA  . ASN A 1 38 ? 4.231   -2.674  -2.065  1.00 0.00 ? 38 ASN A CA  1 
ATOM   273 C  C   . ASN A 1 38 ? 3.065   -3.100  -1.171  1.00 0.00 ? 38 ASN A C   1 
ATOM   274 O  O   . ASN A 1 38 ? 3.197   -3.196  0.030   1.00 0.00 ? 38 ASN A O   1 
ATOM   275 C  CB  . ASN A 1 38 ? 4.955   -3.921  -2.577  1.00 0.00 ? 38 ASN A CB  1 
ATOM   276 C  CG  . ASN A 1 38 ? 4.539   -4.198  -4.024  1.00 0.00 ? 38 ASN A CG  1 
ATOM   277 O  OD1 . ASN A 1 38 ? 3.469   -3.808  -4.446  1.00 0.00 ? 38 ASN A OD1 1 
ATOM   278 N  ND2 . ASN A 1 38 ? 5.346   -4.863  -4.805  1.00 0.00 ? 38 ASN A ND2 1 
ATOM   279 N  N   . PHE A 1 39 ? 1.929   -3.381  -1.754  1.00 0.00 ? 39 PHE A N   1 
ATOM   280 C  CA  . PHE A 1 39 ? 0.766   -3.825  -0.935  1.00 0.00 ? 39 PHE A CA  1 
ATOM   281 C  C   . PHE A 1 39 ? -0.331  -4.455  -1.832  1.00 0.00 ? 39 PHE A C   1 
ATOM   282 O  O   . PHE A 1 39 ? -0.497  -4.090  -2.979  1.00 0.00 ? 39 PHE A O   1 
ATOM   283 C  CB  . PHE A 1 39 ? 0.208   -2.663  -0.079  1.00 0.00 ? 39 PHE A CB  1 
ATOM   284 C  CG  . PHE A 1 39 ? -0.354  -1.527  -0.891  1.00 0.00 ? 39 PHE A CG  1 
ATOM   285 C  CD1 . PHE A 1 39 ? -0.002  -1.331  -2.230  1.00 0.00 ? 39 PHE A CD1 1 
ATOM   286 C  CD2 . PHE A 1 39 ? -1.198  -0.656  -0.266  1.00 0.00 ? 39 PHE A CD2 1 
ATOM   287 C  CE1 . PHE A 1 39 ? -0.528  -0.249  -2.927  1.00 0.00 ? 39 PHE A CE1 1 
ATOM   288 C  CE2 . PHE A 1 39 ? -1.736  0.419   -0.950  1.00 0.00 ? 39 PHE A CE2 1 
ATOM   289 C  CZ  . PHE A 1 39 ? -1.405  0.629   -2.285  1.00 0.00 ? 39 PHE A CZ  1 
ATOM   290 N  N   . LEU A 1 40 ? -1.103  -5.378  -1.284  1.00 0.00 ? 40 LEU A N   1 
ATOM   291 C  CA  . LEU A 1 40 ? -2.223  -6.025  -2.051  1.00 0.00 ? 40 LEU A CA  1 
ATOM   292 C  C   . LEU A 1 40 ? -3.558  -5.779  -1.297  1.00 0.00 ? 40 LEU A C   1 
ATOM   293 O  O   . LEU A 1 40 ? -3.558  -5.465  -0.125  1.00 0.00 ? 40 LEU A O   1 
ATOM   294 C  CB  . LEU A 1 40 ? -1.957  -7.512  -2.249  1.00 0.00 ? 40 LEU A CB  1 
ATOM   295 C  CG  . LEU A 1 40 ? -1.457  -7.758  -3.691  1.00 0.00 ? 40 LEU A CG  1 
ATOM   296 C  CD1 . LEU A 1 40 ? -2.636  -7.964  -4.641  1.00 0.00 ? 40 LEU A CD1 1 
ATOM   297 C  CD2 . LEU A 1 40 ? -0.608  -6.576  -4.189  1.00 0.00 ? 40 LEU A CD2 1 
ATOM   298 N  N   . PRO A 1 41 ? -4.653  -5.844  -2.019  1.00 0.00 ? 41 PRO A N   1 
ATOM   299 C  CA  . PRO A 1 41 ? -5.995  -5.546  -1.478  1.00 0.00 ? 41 PRO A CA  1 
ATOM   300 C  C   . PRO A 1 41 ? -6.635  -6.758  -0.811  1.00 0.00 ? 41 PRO A C   1 
ATOM   301 O  O   . PRO A 1 41 ? -6.594  -7.853  -1.327  1.00 0.00 ? 41 PRO A O   1 
ATOM   302 C  CB  . PRO A 1 41 ? -6.790  -5.154  -2.724  1.00 0.00 ? 41 PRO A CB  1 
ATOM   303 C  CG  . PRO A 1 41 ? -6.056  -5.791  -3.933  1.00 0.00 ? 41 PRO A CG  1 
ATOM   304 C  CD  . PRO A 1 41 ? -4.660  -6.217  -3.436  1.00 0.00 ? 41 PRO A CD  1 
ATOM   305 N  N   . ILE A 1 42 ? -7.251  -6.552  0.323   1.00 0.00 ? 42 ILE A N   1 
ATOM   306 C  CA  . ILE A 1 42 ? -7.922  -7.678  1.031   1.00 0.00 ? 42 ILE A CA  1 
ATOM   307 C  C   . ILE A 1 42 ? -8.997  -8.284  0.128   1.00 0.00 ? 42 ILE A C   1 
ATOM   308 O  O   . ILE A 1 42 ? -9.251  -9.469  0.258   1.00 0.00 ? 42 ILE A O   1 
ATOM   309 C  CB  . ILE A 1 42 ? -8.570  -7.158  2.317   1.00 0.00 ? 42 ILE A CB  1 
ATOM   310 C  CG1 . ILE A 1 42 ? -9.597  -6.077  1.971   1.00 0.00 ? 42 ILE A CG1 1 
ATOM   311 C  CG2 . ILE A 1 42 ? -7.493  -6.562  3.227   1.00 0.00 ? 42 ILE A CG2 1 
ATOM   312 C  CD1 . ILE A 1 42 ? -10.468 -5.791  3.194   1.00 0.00 ? 42 ILE A CD1 1 
ATOM   313 O  OXT . ILE A 1 42 ? -9.547  -7.552  -0.678  1.00 0.00 ? 42 ILE A OXT 1 
HETATM 314 ZN ZN  . ZN  B 2 .  ? 2.202   -0.897  4.401   1.00 0.00 ? 43 ZN  A ZN  1 
# 
